data_3G8C
#
_entry.id   3G8C
#
_cell.length_a   83.317
_cell.length_b   106.166
_cell.length_c   121.486
_cell.angle_alpha   90.00
_cell.angle_beta   90.00
_cell.angle_gamma   90.00
#
_symmetry.space_group_name_H-M   'P 21 21 21'
#
loop_
_entity.id
_entity.type
_entity.pdbx_description
1 polymer 'Biotin carboxylase'
2 non-polymer "ADENOSINE-5'-DIPHOSPHATE"
3 non-polymer 'MAGNESIUM ION'
4 non-polymer BIOTIN
5 non-polymer 'BICARBONATE ION'
6 water water
#
_entity_poly.entity_id   1
_entity_poly.type   'polypeptide(L)'
_entity_poly.pdbx_seq_one_letter_code
;MLDKIVIANRGEIALRILRACKELGIKTVAVHSSADRDLKHVLLADETVCIGPAPSVKSYLNIPAIISAAEITGAVAIHP
GYGFLSENANFAEQVERSGFIFIGPKAETIRLMGDKVSAIAAMKKAGVPCVPGSDGPLGDDMDKNRAIAKRIGYPVIIKA
SGGGGGRGMRVVRGDAELAQSISMTRAEAKAAFSNDMVYMEKYLENPRHVEIQVLADGQGNAIYLAERDCSMQRRHQKVV
EEAPAPGITPELRRYIGERCAKACVDIGYRGAGTFEFLFENGEFYFIEMNTRIQVEHPVTEMITGVDLIKEQLRIAAGQP
LSIKQEEVHVRGHAVECRINAEDPNTFLPSPGKITRFHAPGGFGVRWESHIYAGYTVPPYYDSMIGKLICYGENRDVAIA
RMKNALQELIIDGIKTNVDLQIRIMNDENFQHGGTNIHYLEKKL
;
_entity_poly.pdbx_strand_id   A,B
#
loop_
_chem_comp.id
_chem_comp.type
_chem_comp.name
_chem_comp.formula
ADP non-polymer ADENOSINE-5'-DIPHOSPHATE 'C10 H15 N5 O10 P2'
BCT non-polymer 'BICARBONATE ION' 'C H O3 -1'
BTN non-polymer BIOTIN 'C10 H16 N2 O3 S'
MG non-polymer 'MAGNESIUM ION' 'Mg 2'
#
# COMPACT_ATOMS: atom_id res chain seq x y z
N MET A 1 -0.62 -4.41 26.46
CA MET A 1 -1.41 -5.09 25.39
C MET A 1 -1.94 -6.45 25.84
N LEU A 2 -2.99 -6.92 25.18
CA LEU A 2 -3.56 -8.24 25.43
C LEU A 2 -2.55 -9.33 25.10
N ASP A 3 -2.42 -10.33 25.97
CA ASP A 3 -1.44 -11.39 25.75
C ASP A 3 -1.81 -12.23 24.53
N LYS A 4 -3.10 -12.57 24.42
CA LYS A 4 -3.55 -13.57 23.47
C LYS A 4 -5.03 -13.38 23.23
N ILE A 5 -5.43 -13.40 21.95
CA ILE A 5 -6.84 -13.25 21.62
C ILE A 5 -7.34 -14.35 20.69
N VAL A 6 -8.63 -14.61 20.77
CA VAL A 6 -9.31 -15.48 19.83
C VAL A 6 -9.88 -14.58 18.74
N ILE A 7 -9.61 -14.92 17.49
CA ILE A 7 -10.24 -14.26 16.36
C ILE A 7 -11.50 -15.05 16.01
N ALA A 8 -12.65 -14.55 16.46
CA ALA A 8 -13.91 -15.27 16.28
C ALA A 8 -14.54 -14.90 14.95
N ASN A 9 -13.77 -15.11 13.88
CA ASN A 9 -14.28 -14.85 12.53
C ASN A 9 -13.45 -15.65 11.52
N ARG A 10 -13.57 -15.30 10.25
CA ARG A 10 -12.95 -16.10 9.19
C ARG A 10 -12.58 -15.18 8.03
N GLY A 11 -11.95 -15.75 7.00
CA GLY A 11 -11.81 -15.04 5.73
C GLY A 11 -10.91 -13.83 5.85
N GLU A 12 -11.25 -12.78 5.11
CA GLU A 12 -10.37 -11.64 4.98
C GLU A 12 -10.26 -10.86 6.29
N ILE A 13 -11.37 -10.71 7.00
CA ILE A 13 -11.35 -9.93 8.24
C ILE A 13 -10.54 -10.64 9.34
N ALA A 14 -10.56 -11.96 9.35
CA ALA A 14 -9.78 -12.73 10.32
C ALA A 14 -8.30 -12.49 10.05
N LEU A 15 -7.94 -12.48 8.77
CA LEU A 15 -6.57 -12.18 8.37
C LEU A 15 -6.17 -10.74 8.71
N ARG A 16 -7.08 -9.80 8.48
CA ARG A 16 -6.84 -8.40 8.81
C ARG A 16 -6.52 -8.26 10.31
N ILE A 17 -7.31 -8.94 11.13
CA ILE A 17 -7.15 -8.89 12.58
C ILE A 17 -5.85 -9.59 13.01
N LEU A 18 -5.55 -10.72 12.39
CA LEU A 18 -4.30 -11.44 12.70
C LEU A 18 -3.08 -10.54 12.49
N ARG A 19 -3.06 -9.81 11.37
CA ARG A 19 -1.95 -8.92 11.06
C ARG A 19 -1.76 -7.83 12.11
N ALA A 20 -2.86 -7.20 12.53
CA ALA A 20 -2.81 -6.19 13.60
C ALA A 20 -2.23 -6.79 14.90
N CYS A 21 -2.70 -7.99 15.24
CA CYS A 21 -2.20 -8.73 16.41
C CYS A 21 -0.71 -8.97 16.31
N LYS A 22 -0.26 -9.49 15.18
CA LYS A 22 1.16 -9.75 14.99
C LYS A 22 1.99 -8.47 15.17
N GLU A 23 1.51 -7.35 14.63
CA GLU A 23 2.23 -6.08 14.75
C GLU A 23 2.42 -5.67 16.20
N LEU A 24 1.36 -5.84 16.98
CA LEU A 24 1.35 -5.47 18.41
C LEU A 24 1.94 -6.54 19.34
N GLY A 25 2.40 -7.66 18.76
CA GLY A 25 2.97 -8.77 19.53
C GLY A 25 1.95 -9.56 20.33
N ILE A 26 0.70 -9.54 19.87
CA ILE A 26 -0.39 -10.27 20.52
C ILE A 26 -0.51 -11.69 19.93
N LYS A 27 -0.54 -12.71 20.80
CA LYS A 27 -0.71 -14.09 20.35
C LYS A 27 -2.10 -14.32 19.78
N THR A 28 -2.18 -15.15 18.75
CA THR A 28 -3.45 -15.39 18.06
C THR A 28 -3.92 -16.83 18.19
N VAL A 29 -5.21 -16.96 18.41
CA VAL A 29 -5.87 -18.24 18.39
C VAL A 29 -6.90 -18.15 17.27
N ALA A 30 -6.71 -18.94 16.22
CA ALA A 30 -7.71 -19.00 15.15
C ALA A 30 -8.70 -20.12 15.44
N VAL A 31 -9.94 -19.75 15.72
CA VAL A 31 -11.03 -20.73 15.81
C VAL A 31 -11.66 -20.86 14.43
N HIS A 32 -11.91 -22.08 13.99
CA HIS A 32 -12.40 -22.30 12.63
C HIS A 32 -13.31 -23.51 12.50
N SER A 33 -14.16 -23.49 11.48
CA SER A 33 -14.98 -24.63 11.12
C SER A 33 -14.09 -25.67 10.43
N SER A 34 -14.58 -26.90 10.34
CA SER A 34 -13.80 -27.95 9.66
C SER A 34 -13.63 -27.64 8.17
N ALA A 35 -14.50 -26.81 7.60
CA ALA A 35 -14.35 -26.40 6.21
C ALA A 35 -13.27 -25.34 6.02
N ASP A 36 -12.82 -24.74 7.13
CA ASP A 36 -11.91 -23.59 7.09
C ASP A 36 -10.49 -23.88 7.59
N ARG A 37 -10.09 -25.16 7.61
CA ARG A 37 -8.74 -25.56 8.01
C ARG A 37 -7.63 -24.87 7.20
N ASP A 38 -7.92 -24.61 5.92
CA ASP A 38 -6.90 -24.11 4.99
C ASP A 38 -6.95 -22.59 4.79
N LEU A 39 -7.75 -21.89 5.60
CA LEU A 39 -7.76 -20.43 5.58
C LEU A 39 -6.35 -19.88 5.82
N LYS A 40 -5.97 -18.86 5.07
CA LYS A 40 -4.65 -18.23 5.28
C LYS A 40 -4.39 -17.86 6.74
N HIS A 41 -5.35 -17.22 7.41
CA HIS A 41 -5.08 -16.77 8.79
C HIS A 41 -4.96 -17.95 9.76
N VAL A 42 -5.71 -19.03 9.51
CA VAL A 42 -5.58 -20.27 10.30
C VAL A 42 -4.14 -20.79 10.22
N LEU A 43 -3.62 -20.85 8.99
CA LEU A 43 -2.25 -21.33 8.74
C LEU A 43 -1.17 -20.40 9.32
N LEU A 44 -1.50 -19.12 9.49
CA LEU A 44 -0.57 -18.16 10.06
C LEU A 44 -0.66 -18.00 11.58
N ALA A 45 -1.77 -18.44 12.16
CA ALA A 45 -2.04 -18.19 13.59
C ALA A 45 -1.10 -18.98 14.51
N ASP A 46 -0.94 -18.51 15.75
CA ASP A 46 -0.07 -19.20 16.70
C ASP A 46 -0.68 -20.51 17.19
N GLU A 47 -1.98 -20.49 17.42
CA GLU A 47 -2.73 -21.69 17.78
C GLU A 47 -4.00 -21.73 16.96
N THR A 48 -4.52 -22.94 16.75
CA THR A 48 -5.78 -23.11 16.05
C THR A 48 -6.66 -24.10 16.78
N VAL A 49 -7.97 -23.85 16.78
CA VAL A 49 -8.95 -24.76 17.35
C VAL A 49 -10.09 -24.94 16.37
N CYS A 50 -10.38 -26.18 15.99
CA CYS A 50 -11.57 -26.46 15.19
C CYS A 50 -12.79 -26.47 16.10
N ILE A 51 -13.74 -25.59 15.83
CA ILE A 51 -14.86 -25.36 16.74
C ILE A 51 -16.15 -26.02 16.30
N GLY A 52 -16.13 -26.66 15.13
CA GLY A 52 -17.30 -27.44 14.70
C GLY A 52 -17.37 -27.61 13.19
N PRO A 53 -18.41 -28.33 12.73
CA PRO A 53 -18.57 -28.55 11.29
C PRO A 53 -18.84 -27.25 10.52
N ALA A 54 -18.91 -27.36 9.20
CA ALA A 54 -18.93 -26.20 8.30
C ALA A 54 -20.05 -25.17 8.53
N PRO A 55 -21.33 -25.61 8.69
CA PRO A 55 -22.41 -24.62 8.82
C PRO A 55 -22.15 -23.63 9.95
N SER A 56 -22.42 -22.36 9.70
CA SER A 56 -22.13 -21.32 10.68
C SER A 56 -22.78 -21.54 12.04
N VAL A 57 -24.02 -22.03 12.03
CA VAL A 57 -24.75 -22.35 13.28
C VAL A 57 -23.95 -23.29 14.19
N LYS A 58 -23.16 -24.18 13.58
CA LYS A 58 -22.41 -25.18 14.33
C LYS A 58 -20.99 -24.74 14.68
N SER A 59 -20.55 -23.62 14.09
CA SER A 59 -19.17 -23.18 14.27
C SER A 59 -19.11 -21.69 14.67
N TYR A 60 -19.09 -20.78 13.69
CA TYR A 60 -18.90 -19.33 13.98
C TYR A 60 -20.02 -18.65 14.76
N LEU A 61 -21.18 -19.30 14.85
CA LEU A 61 -22.29 -18.82 15.68
C LEU A 61 -22.47 -19.63 16.97
N ASN A 62 -21.57 -20.60 17.18
CA ASN A 62 -21.64 -21.51 18.31
C ASN A 62 -20.93 -20.88 19.52
N ILE A 63 -21.70 -20.14 20.31
CA ILE A 63 -21.15 -19.40 21.46
C ILE A 63 -20.36 -20.30 22.43
N PRO A 64 -20.97 -21.42 22.91
CA PRO A 64 -20.23 -22.32 23.81
C PRO A 64 -18.91 -22.85 23.24
N ALA A 65 -18.88 -23.22 21.96
CA ALA A 65 -17.64 -23.70 21.34
C ALA A 65 -16.54 -22.63 21.29
N ILE A 66 -16.92 -21.39 20.99
CA ILE A 66 -15.96 -20.28 20.93
C ILE A 66 -15.40 -19.93 22.31
N ILE A 67 -16.29 -19.82 23.30
CA ILE A 67 -15.88 -19.62 24.71
C ILE A 67 -14.94 -20.72 25.20
N SER A 68 -15.31 -21.96 24.92
CA SER A 68 -14.51 -23.11 25.34
C SER A 68 -13.09 -23.06 24.73
N ALA A 69 -13.01 -22.71 23.45
CA ALA A 69 -11.70 -22.54 22.79
C ALA A 69 -10.89 -21.42 23.42
N ALA A 70 -11.54 -20.30 23.72
CA ALA A 70 -10.89 -19.19 24.40
C ALA A 70 -10.38 -19.60 25.79
N GLU A 71 -11.15 -20.43 26.49
CA GLU A 71 -10.75 -20.92 27.82
C GLU A 71 -9.57 -21.89 27.74
N ILE A 72 -9.67 -22.91 26.89
CA ILE A 72 -8.61 -23.94 26.81
C ILE A 72 -7.26 -23.41 26.32
N THR A 73 -7.28 -22.38 25.48
CA THR A 73 -6.04 -21.80 24.95
C THR A 73 -5.43 -20.73 25.85
N GLY A 74 -6.17 -20.32 26.87
CA GLY A 74 -5.69 -19.29 27.77
C GLY A 74 -5.72 -17.88 27.20
N ALA A 75 -6.61 -17.65 26.24
CA ALA A 75 -6.79 -16.32 25.65
C ALA A 75 -7.41 -15.38 26.68
N VAL A 76 -7.22 -14.06 26.52
CA VAL A 76 -7.82 -13.07 27.43
C VAL A 76 -8.92 -12.23 26.77
N ALA A 77 -9.03 -12.34 25.45
CA ALA A 77 -9.96 -11.50 24.70
C ALA A 77 -10.43 -12.20 23.44
N ILE A 78 -11.55 -11.71 22.90
CA ILE A 78 -12.14 -12.25 21.68
C ILE A 78 -12.50 -11.09 20.76
N HIS A 79 -11.98 -11.13 19.53
CA HIS A 79 -12.38 -10.18 18.47
C HIS A 79 -13.41 -10.86 17.59
N PRO A 80 -14.64 -10.32 17.52
CA PRO A 80 -15.71 -10.91 16.74
C PRO A 80 -15.70 -10.53 15.25
N GLY A 81 -14.83 -9.61 14.85
CA GLY A 81 -14.82 -9.08 13.49
C GLY A 81 -16.12 -8.39 13.12
N TYR A 82 -16.64 -8.72 11.96
CA TYR A 82 -17.94 -8.21 11.52
C TYR A 82 -18.83 -9.39 11.14
N GLY A 83 -20.14 -9.16 11.11
CA GLY A 83 -21.07 -10.26 10.86
C GLY A 83 -21.04 -11.22 12.04
N PHE A 84 -21.48 -12.45 11.80
CA PHE A 84 -21.57 -13.49 12.83
C PHE A 84 -22.10 -12.96 14.16
N LEU A 85 -21.25 -12.94 15.19
CA LEU A 85 -21.69 -12.58 16.56
C LEU A 85 -21.26 -11.19 17.00
N SER A 86 -20.67 -10.42 16.09
CA SER A 86 -20.09 -9.12 16.43
C SER A 86 -21.12 -8.14 17.02
N GLU A 87 -22.37 -8.26 16.56
CA GLU A 87 -23.42 -7.39 17.07
C GLU A 87 -24.52 -8.21 17.76
N ASN A 88 -24.11 -9.33 18.34
CA ASN A 88 -24.97 -10.16 19.17
C ASN A 88 -24.69 -9.77 20.63
N ALA A 89 -25.65 -9.09 21.25
CA ALA A 89 -25.46 -8.56 22.62
C ALA A 89 -25.30 -9.67 23.65
N ASN A 90 -26.01 -10.78 23.44
CA ASN A 90 -25.91 -11.93 24.34
C ASN A 90 -24.52 -12.54 24.32
N PHE A 91 -23.89 -12.56 23.14
CA PHE A 91 -22.51 -13.02 23.02
C PHE A 91 -21.53 -12.11 23.75
N ALA A 92 -21.62 -10.80 23.50
CA ALA A 92 -20.79 -9.81 24.19
C ALA A 92 -20.92 -9.93 25.71
N GLU A 93 -22.16 -10.05 26.18
CA GLU A 93 -22.42 -10.25 27.62
C GLU A 93 -21.77 -11.52 28.15
N GLN A 94 -21.94 -12.63 27.42
CA GLN A 94 -21.38 -13.92 27.80
C GLN A 94 -19.86 -13.93 27.83
N VAL A 95 -19.24 -13.30 26.83
CA VAL A 95 -17.79 -13.15 26.78
C VAL A 95 -17.26 -12.45 28.04
N GLU A 96 -17.88 -11.34 28.42
CA GLU A 96 -17.48 -10.63 29.63
C GLU A 96 -17.82 -11.42 30.90
N ARG A 97 -19.00 -12.03 30.94
CA ARG A 97 -19.41 -12.91 32.06
C ARG A 97 -18.40 -14.04 32.30
N SER A 98 -17.89 -14.62 31.21
CA SER A 98 -16.91 -15.70 31.28
C SER A 98 -15.51 -15.21 31.64
N GLY A 99 -15.36 -13.90 31.82
CA GLY A 99 -14.11 -13.33 32.28
C GLY A 99 -13.16 -12.84 31.20
N PHE A 100 -13.65 -12.74 29.96
CA PHE A 100 -12.83 -12.25 28.85
C PHE A 100 -13.09 -10.79 28.53
N ILE A 101 -12.16 -10.17 27.82
CA ILE A 101 -12.41 -8.87 27.21
C ILE A 101 -13.14 -9.11 25.89
N PHE A 102 -14.23 -8.40 25.67
CA PHE A 102 -14.91 -8.41 24.38
C PHE A 102 -14.38 -7.19 23.62
N ILE A 103 -13.81 -7.44 22.44
CA ILE A 103 -13.25 -6.35 21.64
C ILE A 103 -14.40 -5.74 20.84
N GLY A 104 -15.13 -4.87 21.54
CA GLY A 104 -16.31 -4.20 21.01
C GLY A 104 -17.01 -3.41 22.11
N PRO A 105 -18.24 -2.94 21.84
CA PRO A 105 -18.93 -2.11 22.85
C PRO A 105 -19.50 -2.97 23.97
N LYS A 106 -20.05 -2.31 25.00
CA LYS A 106 -20.78 -3.04 26.04
C LYS A 106 -22.01 -3.67 25.43
N ALA A 107 -22.43 -4.81 26.00
CA ALA A 107 -23.60 -5.53 25.49
C ALA A 107 -24.83 -4.65 25.45
N GLU A 108 -25.00 -3.80 26.46
CA GLU A 108 -26.15 -2.89 26.50
C GLU A 108 -26.17 -1.87 25.37
N THR A 109 -24.99 -1.41 24.95
CA THR A 109 -24.86 -0.50 23.82
C THR A 109 -25.26 -1.21 22.52
N ILE A 110 -24.79 -2.43 22.37
CA ILE A 110 -25.18 -3.29 21.25
C ILE A 110 -26.71 -3.44 21.17
N ARG A 111 -27.35 -3.71 22.30
CA ARG A 111 -28.82 -3.83 22.34
C ARG A 111 -29.47 -2.52 21.97
N LEU A 112 -28.98 -1.42 22.55
CA LEU A 112 -29.54 -0.09 22.32
C LEU A 112 -29.57 0.24 20.83
N MET A 113 -28.42 0.04 20.17
CA MET A 113 -28.25 0.45 18.79
C MET A 113 -28.64 -0.65 17.81
N GLY A 114 -28.85 -1.86 18.32
CA GLY A 114 -29.24 -3.01 17.51
C GLY A 114 -30.74 -3.11 17.31
N ASP A 115 -31.48 -2.41 18.17
CA ASP A 115 -32.91 -2.23 17.99
C ASP A 115 -33.12 -0.87 17.36
N LYS A 116 -33.60 -0.85 16.14
CA LYS A 116 -33.72 0.38 15.34
C LYS A 116 -34.54 1.48 16.01
N VAL A 117 -35.60 1.09 16.72
CA VAL A 117 -36.47 2.06 17.39
C VAL A 117 -35.81 2.74 18.58
N SER A 118 -35.14 1.95 19.43
CA SER A 118 -34.41 2.52 20.56
C SER A 118 -33.17 3.27 20.05
N ALA A 119 -32.62 2.83 18.92
CA ALA A 119 -31.46 3.47 18.31
C ALA A 119 -31.79 4.88 17.88
N ILE A 120 -32.87 5.01 17.11
CA ILE A 120 -33.33 6.31 16.61
C ILE A 120 -33.70 7.25 17.76
N ALA A 121 -34.38 6.72 18.78
CA ALA A 121 -34.71 7.49 19.98
C ALA A 121 -33.46 8.02 20.68
N ALA A 122 -32.44 7.18 20.82
CA ALA A 122 -31.18 7.58 21.45
C ALA A 122 -30.46 8.66 20.65
N MET A 123 -30.56 8.57 19.33
CA MET A 123 -29.87 9.51 18.44
C MET A 123 -30.51 10.89 18.46
N LYS A 124 -31.84 10.92 18.45
CA LYS A 124 -32.61 12.18 18.56
C LYS A 124 -32.26 12.95 19.83
N LYS A 125 -32.21 12.24 20.95
CA LYS A 125 -31.85 12.82 22.25
C LYS A 125 -30.43 13.40 22.24
N ALA A 126 -29.51 12.71 21.57
CA ALA A 126 -28.11 13.17 21.48
C ALA A 126 -27.94 14.31 20.49
N GLY A 127 -28.95 14.53 19.65
CA GLY A 127 -28.92 15.63 18.68
C GLY A 127 -28.34 15.24 17.32
N VAL A 128 -28.41 13.94 17.03
CA VAL A 128 -28.02 13.43 15.73
C VAL A 128 -29.25 13.50 14.82
N PRO A 129 -29.12 14.13 13.64
CA PRO A 129 -30.28 14.29 12.75
C PRO A 129 -30.79 12.95 12.23
N CYS A 130 -32.10 12.73 12.37
CA CYS A 130 -32.73 11.47 11.96
C CYS A 130 -33.74 11.69 10.83
N VAL A 131 -34.15 10.59 10.20
CA VAL A 131 -35.21 10.61 9.20
C VAL A 131 -36.54 10.80 9.95
N PRO A 132 -37.29 11.88 9.63
CA PRO A 132 -38.68 11.97 10.11
C PRO A 132 -39.43 10.65 9.87
N GLY A 133 -39.96 10.07 10.94
CA GLY A 133 -40.56 8.74 10.87
C GLY A 133 -41.55 8.47 11.99
N SER A 134 -41.92 7.20 12.16
CA SER A 134 -42.93 6.79 13.14
C SER A 134 -42.46 6.97 14.59
N ASP A 135 -41.14 6.92 14.78
CA ASP A 135 -40.51 7.02 16.11
C ASP A 135 -41.12 6.03 17.12
N GLY A 136 -41.27 4.79 16.67
CA GLY A 136 -41.87 3.72 17.46
C GLY A 136 -42.38 2.59 16.58
N PRO A 137 -42.77 1.45 17.18
CA PRO A 137 -43.33 0.33 16.42
C PRO A 137 -44.69 0.65 15.81
N LEU A 138 -45.03 -0.02 14.69
CA LEU A 138 -46.31 0.21 14.01
C LEU A 138 -47.47 -0.57 14.64
N GLY A 139 -48.60 0.10 14.80
CA GLY A 139 -49.82 -0.50 15.35
C GLY A 139 -50.96 -0.52 14.35
N ASP A 140 -51.91 -1.57 14.44
CA ASP A 140 -53.01 -1.81 13.52
C ASP A 140 -54.02 -0.66 13.43
N ASP A 141 -54.00 0.25 14.40
CA ASP A 141 -54.88 1.42 14.40
C ASP A 141 -54.54 2.34 13.22
N MET A 142 -55.20 2.12 12.09
CA MET A 142 -54.94 2.80 10.80
C MET A 142 -55.36 4.27 10.79
N ASP A 143 -56.22 4.66 11.75
CA ASP A 143 -56.69 6.04 11.88
C ASP A 143 -55.57 6.99 12.31
N LYS A 144 -54.55 6.43 12.97
CA LYS A 144 -53.39 7.19 13.43
C LYS A 144 -52.10 6.65 12.82
N ASN A 145 -52.14 5.39 12.40
CA ASN A 145 -51.01 4.71 11.76
C ASN A 145 -50.76 5.23 10.34
N ARG A 146 -51.82 5.27 9.54
CA ARG A 146 -51.73 5.77 8.17
C ARG A 146 -51.61 7.30 8.12
N ALA A 147 -51.80 7.93 9.28
CA ALA A 147 -51.57 9.37 9.45
C ALA A 147 -50.08 9.67 9.64
N ILE A 148 -49.32 8.63 10.00
CA ILE A 148 -47.85 8.73 10.13
C ILE A 148 -47.22 9.00 8.76
N ALA A 149 -47.64 8.23 7.76
CA ALA A 149 -47.15 8.36 6.38
C ALA A 149 -47.47 9.70 5.74
N LYS A 150 -48.66 10.24 6.02
CA LYS A 150 -49.10 11.54 5.51
C LYS A 150 -48.27 12.69 6.09
N ARG A 151 -48.01 12.61 7.40
CA ARG A 151 -47.24 13.62 8.13
C ARG A 151 -45.85 13.82 7.54
N ILE A 152 -45.25 12.72 7.09
CA ILE A 152 -43.87 12.70 6.61
C ILE A 152 -43.80 12.80 5.08
N GLY A 153 -44.76 12.18 4.41
CA GLY A 153 -44.85 12.23 2.95
C GLY A 153 -44.51 10.90 2.29
N TYR A 154 -45.13 10.66 1.13
CA TYR A 154 -44.87 9.46 0.35
C TYR A 154 -43.79 9.72 -0.71
N PRO A 155 -43.07 8.66 -1.14
CA PRO A 155 -43.15 7.26 -0.67
C PRO A 155 -42.58 7.06 0.75
N VAL A 156 -42.96 5.95 1.38
CA VAL A 156 -42.40 5.54 2.67
C VAL A 156 -41.81 4.14 2.58
N ILE A 157 -40.94 3.81 3.53
CA ILE A 157 -40.36 2.46 3.62
C ILE A 157 -40.69 1.79 4.95
N ILE A 158 -41.13 0.53 4.86
CA ILE A 158 -41.37 -0.29 6.04
C ILE A 158 -40.09 -1.06 6.37
N LYS A 159 -39.55 -0.80 7.56
CA LYS A 159 -38.29 -1.38 7.99
C LYS A 159 -38.44 -2.16 9.30
N ALA A 160 -37.76 -3.31 9.39
CA ALA A 160 -37.79 -4.14 10.59
C ALA A 160 -36.87 -3.57 11.67
N SER A 161 -37.36 -3.54 12.91
CA SER A 161 -36.61 -3.01 14.05
C SER A 161 -35.43 -3.91 14.47
N GLY A 162 -35.46 -5.16 14.00
CA GLY A 162 -34.35 -6.09 14.19
C GLY A 162 -33.82 -6.58 12.86
N GLY A 163 -33.95 -5.75 11.83
CA GLY A 163 -33.60 -6.11 10.45
C GLY A 163 -32.19 -5.73 10.05
N GLY A 164 -31.61 -6.51 9.14
CA GLY A 164 -30.26 -6.28 8.65
C GLY A 164 -29.91 -6.90 7.30
N GLY A 165 -30.92 -7.07 6.43
CA GLY A 165 -30.69 -7.66 5.11
C GLY A 165 -31.71 -7.34 4.05
N GLY A 166 -31.76 -8.20 3.03
CA GLY A 166 -32.74 -8.08 1.93
C GLY A 166 -34.14 -8.45 2.36
N ARG A 167 -34.29 -8.66 3.67
CA ARG A 167 -35.58 -8.88 4.31
C ARG A 167 -35.81 -7.73 5.28
N GLY A 168 -37.07 -7.46 5.60
CA GLY A 168 -37.41 -6.36 6.49
C GLY A 168 -37.30 -5.00 5.80
N MET A 169 -37.53 -4.99 4.49
CA MET A 169 -37.53 -3.77 3.69
C MET A 169 -38.71 -3.80 2.72
N ARG A 170 -39.56 -2.77 2.79
CA ARG A 170 -40.78 -2.69 1.96
C ARG A 170 -41.09 -1.26 1.54
N VAL A 171 -41.09 -1.02 0.23
CA VAL A 171 -41.36 0.31 -0.33
C VAL A 171 -42.87 0.51 -0.58
N VAL A 172 -43.47 1.43 0.17
CA VAL A 172 -44.89 1.74 0.07
C VAL A 172 -45.08 3.15 -0.51
N ARG A 173 -45.89 3.25 -1.57
CA ARG A 173 -46.16 4.54 -2.22
C ARG A 173 -47.62 4.96 -2.10
N GLY A 174 -48.50 3.98 -2.00
CA GLY A 174 -49.95 4.21 -1.98
C GLY A 174 -50.52 4.65 -0.64
N ASP A 175 -51.48 5.57 -0.70
CA ASP A 175 -52.09 6.17 0.49
C ASP A 175 -53.03 5.19 1.22
N ALA A 176 -54.06 4.73 0.51
CA ALA A 176 -55.06 3.82 1.08
C ALA A 176 -54.49 2.41 1.29
N GLU A 177 -53.68 1.94 0.33
CA GLU A 177 -53.07 0.62 0.40
C GLU A 177 -51.94 0.55 1.45
N LEU A 178 -52.42 0.44 2.73
CA LEU A 178 -51.48 0.29 3.78
C LEU A 178 -52.13 -0.56 4.91
N ALA A 179 -53.39 -0.96 4.71
CA ALA A 179 -54.15 -1.82 5.62
C ALA A 179 -53.65 -3.27 5.61
N GLN A 180 -52.75 -3.57 4.66
CA GLN A 180 -52.14 -4.89 4.53
C GLN A 180 -50.67 -4.85 4.04
N SER A 181 -50.15 -3.64 3.85
CA SER A 181 -48.77 -3.44 3.39
C SER A 181 -47.73 -3.76 4.47
N ILE A 182 -48.15 -3.67 5.73
CA ILE A 182 -47.30 -3.98 6.88
C ILE A 182 -47.19 -5.50 7.10
N SER A 183 -48.09 -6.25 6.45
CA SER A 183 -48.14 -7.70 6.55
C SER A 183 -46.90 -8.39 5.93
N MET A 184 -46.54 -7.98 4.71
CA MET A 184 -45.41 -8.57 3.97
C MET A 184 -44.08 -8.51 4.74
N THR A 185 -43.84 -7.39 5.41
CA THR A 185 -42.59 -7.15 6.13
C THR A 185 -42.53 -7.96 7.44
N ARG A 186 -43.64 -7.95 8.19
CA ARG A 186 -43.74 -8.68 9.47
C ARG A 186 -43.53 -10.18 9.33
N ALA A 187 -44.04 -10.75 8.23
CA ALA A 187 -43.89 -12.18 7.94
C ALA A 187 -42.42 -12.54 7.70
N GLU A 188 -41.73 -11.72 6.90
CA GLU A 188 -40.32 -11.90 6.61
C GLU A 188 -39.43 -11.66 7.83
N ALA A 189 -39.81 -10.68 8.65
CA ALA A 189 -39.06 -10.31 9.85
C ALA A 189 -38.97 -11.43 10.89
N LYS A 190 -40.08 -12.11 11.12
CA LYS A 190 -40.13 -13.25 12.04
C LYS A 190 -39.58 -14.53 11.39
N ALA A 191 -39.62 -14.58 10.06
CA ALA A 191 -39.05 -15.69 9.29
C ALA A 191 -37.53 -15.65 9.23
N ALA A 192 -36.96 -14.45 9.41
CA ALA A 192 -35.51 -14.24 9.26
C ALA A 192 -34.79 -14.06 10.61
N PHE A 193 -35.18 -13.02 11.35
CA PHE A 193 -34.50 -12.66 12.61
C PHE A 193 -35.38 -12.78 13.86
N SER A 194 -36.47 -13.56 13.74
CA SER A 194 -37.37 -13.88 14.87
C SER A 194 -37.84 -12.69 15.72
N ASN A 195 -38.11 -11.57 15.04
CA ASN A 195 -38.64 -10.36 15.66
C ASN A 195 -39.53 -9.61 14.67
N ASP A 196 -40.83 -9.58 14.96
CA ASP A 196 -41.84 -9.03 14.04
C ASP A 196 -41.90 -7.49 14.04
N MET A 197 -41.45 -6.89 15.14
CA MET A 197 -41.49 -5.43 15.32
C MET A 197 -40.94 -4.67 14.10
N VAL A 198 -41.76 -3.75 13.58
CA VAL A 198 -41.41 -2.94 12.41
C VAL A 198 -41.75 -1.47 12.63
N TYR A 199 -41.07 -0.59 11.89
CA TYR A 199 -41.32 0.85 11.96
C TYR A 199 -41.42 1.49 10.58
N MET A 200 -41.77 2.77 10.56
CA MET A 200 -41.95 3.52 9.31
C MET A 200 -41.04 4.76 9.28
N GLU A 201 -40.37 4.98 8.16
CA GLU A 201 -39.68 6.25 7.92
C GLU A 201 -39.78 6.65 6.45
N LYS A 202 -39.52 7.92 6.15
CA LYS A 202 -39.60 8.45 4.79
C LYS A 202 -38.67 7.69 3.84
N TYR A 203 -39.20 7.28 2.69
CA TYR A 203 -38.37 6.73 1.63
C TYR A 203 -37.78 7.90 0.85
N LEU A 204 -36.51 8.19 1.14
CA LEU A 204 -35.78 9.25 0.45
C LEU A 204 -35.38 8.78 -0.94
N GLU A 205 -35.69 9.60 -1.94
CA GLU A 205 -35.63 9.16 -3.34
C GLU A 205 -34.33 9.49 -4.08
N ASN A 206 -33.60 10.47 -3.58
CA ASN A 206 -32.33 10.87 -4.20
C ASN A 206 -31.17 10.93 -3.19
N PRO A 207 -31.09 9.95 -2.27
CA PRO A 207 -30.07 10.09 -1.24
C PRO A 207 -28.78 9.36 -1.58
N ARG A 208 -27.68 9.83 -1.00
CA ARG A 208 -26.41 9.10 -1.03
C ARG A 208 -26.22 8.41 0.32
N HIS A 209 -25.42 7.34 0.35
CA HIS A 209 -25.10 6.70 1.62
C HIS A 209 -23.77 7.24 2.09
N VAL A 210 -23.81 8.02 3.16
CA VAL A 210 -22.60 8.64 3.70
C VAL A 210 -22.54 8.24 5.18
N GLU A 211 -21.40 7.70 5.60
CA GLU A 211 -21.31 7.17 6.95
C GLU A 211 -20.07 7.71 7.65
N ILE A 212 -20.14 7.82 8.97
CA ILE A 212 -19.08 8.44 9.75
C ILE A 212 -18.43 7.38 10.63
N GLN A 213 -17.11 7.26 10.48
CA GLN A 213 -16.31 6.34 11.29
C GLN A 213 -16.03 7.01 12.64
N VAL A 214 -16.23 6.27 13.73
CA VAL A 214 -15.88 6.79 15.05
C VAL A 214 -14.97 5.83 15.80
N LEU A 215 -14.21 6.39 16.75
CA LEU A 215 -13.49 5.59 17.74
C LEU A 215 -13.77 6.21 19.10
N ALA A 216 -14.03 5.37 20.10
CA ALA A 216 -14.27 5.83 21.46
C ALA A 216 -13.64 4.85 22.45
N ASP A 217 -12.95 5.37 23.47
CA ASP A 217 -12.25 4.49 24.41
C ASP A 217 -13.11 3.95 25.55
N GLY A 218 -14.36 4.43 25.65
CA GLY A 218 -15.23 4.07 26.77
C GLY A 218 -14.80 4.74 28.06
N GLN A 219 -13.91 5.73 27.94
CA GLN A 219 -13.46 6.51 29.11
C GLN A 219 -13.89 7.98 28.95
N GLY A 220 -14.73 8.25 27.96
CA GLY A 220 -15.22 9.61 27.70
C GLY A 220 -14.62 10.30 26.50
N ASN A 221 -13.59 9.70 25.91
CA ASN A 221 -12.97 10.25 24.72
C ASN A 221 -13.57 9.62 23.49
N ALA A 222 -13.88 10.45 22.49
CA ALA A 222 -14.49 9.96 21.26
C ALA A 222 -14.09 10.88 20.11
N ILE A 223 -13.69 10.26 19.00
CA ILE A 223 -13.29 11.01 17.81
C ILE A 223 -14.01 10.49 16.57
N TYR A 224 -14.17 11.36 15.57
CA TYR A 224 -14.65 10.94 14.27
C TYR A 224 -13.50 10.97 13.27
N LEU A 225 -13.52 10.04 12.33
CA LEU A 225 -12.44 9.90 11.37
C LEU A 225 -13.01 10.08 9.97
N ALA A 226 -13.48 11.29 9.70
CA ALA A 226 -14.08 11.64 8.42
C ALA A 226 -15.25 10.72 8.05
N GLU A 227 -15.55 10.65 6.76
CA GLU A 227 -16.71 9.93 6.29
C GLU A 227 -16.35 9.03 5.10
N ARG A 228 -17.27 8.10 4.79
CA ARG A 228 -17.19 7.27 3.60
C ARG A 228 -18.49 7.39 2.82
N ASP A 229 -18.40 7.29 1.50
CA ASP A 229 -19.57 7.21 0.64
C ASP A 229 -19.68 5.78 0.13
N CYS A 230 -20.81 5.15 0.39
CA CYS A 230 -21.00 3.75 0.03
C CYS A 230 -22.31 3.60 -0.74
N SER A 231 -22.51 4.50 -1.71
CA SER A 231 -23.77 4.58 -2.46
C SER A 231 -23.98 3.49 -3.51
N MET A 232 -22.90 2.94 -4.06
CA MET A 232 -22.99 1.86 -5.04
C MET A 232 -23.40 0.58 -4.34
N GLN A 233 -24.66 0.19 -4.57
CA GLN A 233 -25.28 -0.91 -3.84
C GLN A 233 -26.09 -1.83 -4.75
N ARG A 234 -26.19 -3.10 -4.35
CA ARG A 234 -27.11 -4.04 -4.99
C ARG A 234 -27.77 -4.83 -3.89
N ARG A 235 -29.10 -4.94 -3.97
CA ARG A 235 -29.92 -5.54 -2.91
C ARG A 235 -29.54 -5.01 -1.52
N HIS A 236 -29.34 -3.69 -1.44
CA HIS A 236 -28.95 -2.96 -0.21
C HIS A 236 -27.57 -3.33 0.36
N GLN A 237 -26.80 -4.13 -0.38
CA GLN A 237 -25.43 -4.49 -0.01
C GLN A 237 -24.47 -3.62 -0.79
N LYS A 238 -23.45 -3.10 -0.09
CA LYS A 238 -22.49 -2.18 -0.69
C LYS A 238 -21.55 -2.92 -1.64
N VAL A 239 -21.20 -2.27 -2.74
CA VAL A 239 -20.33 -2.87 -3.76
C VAL A 239 -19.01 -2.09 -3.87
N VAL A 240 -19.11 -0.76 -3.80
CA VAL A 240 -17.96 0.12 -3.86
C VAL A 240 -18.10 1.10 -2.72
N GLU A 241 -16.97 1.42 -2.08
CA GLU A 241 -16.96 2.40 -1.01
C GLU A 241 -15.77 3.35 -1.23
N GLU A 242 -15.90 4.59 -0.78
CA GLU A 242 -14.81 5.53 -0.95
C GLU A 242 -14.75 6.52 0.18
N ALA A 243 -13.58 7.15 0.36
CA ALA A 243 -13.35 8.13 1.41
C ALA A 243 -12.35 9.16 0.92
N PRO A 244 -12.57 10.45 1.24
CA PRO A 244 -13.76 11.04 1.85
C PRO A 244 -14.91 11.00 0.84
N ALA A 245 -16.13 11.36 1.27
CA ALA A 245 -17.26 11.40 0.34
C ALA A 245 -17.15 12.65 -0.54
N PRO A 246 -17.25 12.48 -1.87
CA PRO A 246 -17.19 13.63 -2.80
C PRO A 246 -18.22 14.70 -2.47
N GLY A 247 -17.79 15.95 -2.51
CA GLY A 247 -18.69 17.08 -2.30
C GLY A 247 -18.87 17.49 -0.86
N ILE A 248 -18.50 16.63 0.08
CA ILE A 248 -18.58 16.95 1.51
C ILE A 248 -17.44 17.89 1.88
N THR A 249 -17.83 19.09 2.30
CA THR A 249 -16.90 20.14 2.70
C THR A 249 -16.35 19.88 4.11
N PRO A 250 -15.19 20.47 4.44
CA PRO A 250 -14.68 20.40 5.82
C PRO A 250 -15.70 20.84 6.88
N GLU A 251 -16.55 21.80 6.53
CA GLU A 251 -17.58 22.30 7.45
C GLU A 251 -18.73 21.31 7.67
N LEU A 252 -19.17 20.65 6.61
CA LEU A 252 -20.19 19.59 6.72
C LEU A 252 -19.66 18.38 7.49
N ARG A 253 -18.40 18.03 7.22
CA ARG A 253 -17.72 16.93 7.91
C ARG A 253 -17.69 17.18 9.41
N ARG A 254 -17.22 18.35 9.84
CA ARG A 254 -17.19 18.66 11.26
C ARG A 254 -18.58 18.75 11.88
N TYR A 255 -19.53 19.33 11.17
CA TYR A 255 -20.92 19.38 11.65
C TYR A 255 -21.39 17.98 12.03
N ILE A 256 -21.34 17.05 11.08
CA ILE A 256 -21.85 15.71 11.32
C ILE A 256 -20.95 14.89 12.24
N GLY A 257 -19.63 15.07 12.07
CA GLY A 257 -18.64 14.38 12.88
C GLY A 257 -18.76 14.69 14.35
N GLU A 258 -18.84 15.98 14.67
CA GLU A 258 -19.01 16.42 16.05
C GLU A 258 -20.25 15.83 16.69
N ARG A 259 -21.34 15.74 15.94
CA ARG A 259 -22.60 15.18 16.47
C ARG A 259 -22.51 13.68 16.72
N CYS A 260 -21.75 12.98 15.87
CA CYS A 260 -21.51 11.56 16.05
C CYS A 260 -20.62 11.28 17.26
N ALA A 261 -19.58 12.08 17.45
CA ALA A 261 -18.69 11.89 18.60
C ALA A 261 -19.39 12.23 19.92
N LYS A 262 -20.28 13.24 19.91
CA LYS A 262 -21.12 13.54 21.08
C LYS A 262 -22.09 12.39 21.39
N ALA A 263 -22.69 11.81 20.36
CA ALA A 263 -23.58 10.67 20.53
C ALA A 263 -22.84 9.48 21.18
N CYS A 264 -21.61 9.23 20.74
CA CYS A 264 -20.74 8.24 21.39
C CYS A 264 -20.59 8.44 22.89
N VAL A 265 -20.27 9.67 23.29
CA VAL A 265 -20.13 10.00 24.71
C VAL A 265 -21.47 9.78 25.41
N ASP A 266 -22.55 10.27 24.82
CA ASP A 266 -23.89 10.13 25.41
C ASP A 266 -24.34 8.69 25.66
N ILE A 267 -24.04 7.79 24.72
CA ILE A 267 -24.41 6.38 24.87
C ILE A 267 -23.36 5.49 25.54
N GLY A 268 -22.21 6.08 25.89
CA GLY A 268 -21.13 5.34 26.53
C GLY A 268 -20.46 4.34 25.60
N TYR A 269 -20.37 4.70 24.32
CA TYR A 269 -19.81 3.82 23.30
C TYR A 269 -18.34 3.51 23.56
N ARG A 270 -17.97 2.26 23.27
CA ARG A 270 -16.61 1.77 23.41
C ARG A 270 -16.18 1.01 22.15
N GLY A 271 -15.07 1.42 21.56
CA GLY A 271 -14.49 0.72 20.41
C GLY A 271 -14.73 1.44 19.09
N ALA A 272 -14.57 0.68 18.00
CA ALA A 272 -14.86 1.19 16.67
C ALA A 272 -16.35 1.08 16.41
N GLY A 273 -16.87 2.01 15.63
CA GLY A 273 -18.27 1.99 15.24
C GLY A 273 -18.46 2.90 14.05
N THR A 274 -19.62 2.78 13.41
CA THR A 274 -19.95 3.61 12.26
C THR A 274 -21.41 4.04 12.31
N PHE A 275 -21.62 5.35 12.19
CA PHE A 275 -22.96 5.92 12.01
C PHE A 275 -23.28 6.05 10.53
N GLU A 276 -24.30 5.34 10.08
CA GLU A 276 -24.74 5.39 8.68
C GLU A 276 -25.87 6.41 8.47
N PHE A 277 -25.72 7.23 7.44
CA PHE A 277 -26.67 8.28 7.10
C PHE A 277 -27.11 8.17 5.63
N LEU A 278 -28.32 8.62 5.37
CA LEU A 278 -28.70 8.98 4.02
C LEU A 278 -28.45 10.48 3.90
N PHE A 279 -27.82 10.90 2.82
CA PHE A 279 -27.46 12.30 2.60
C PHE A 279 -28.18 12.81 1.36
N GLU A 280 -29.06 13.79 1.54
CA GLU A 280 -29.88 14.32 0.45
C GLU A 280 -30.13 15.82 0.63
N ASN A 281 -29.98 16.57 -0.46
CA ASN A 281 -30.13 18.03 -0.45
C ASN A 281 -29.33 18.72 0.68
N GLY A 282 -28.11 18.26 0.90
CA GLY A 282 -27.21 18.86 1.89
C GLY A 282 -27.56 18.55 3.34
N GLU A 283 -28.47 17.60 3.56
CA GLU A 283 -28.88 17.23 4.92
C GLU A 283 -28.58 15.75 5.19
N PHE A 284 -28.12 15.47 6.41
CA PHE A 284 -27.87 14.11 6.89
C PHE A 284 -29.10 13.58 7.63
N TYR A 285 -29.39 12.30 7.41
CA TYR A 285 -30.48 11.62 8.11
C TYR A 285 -30.00 10.24 8.60
N PHE A 286 -29.84 10.10 9.91
CA PHE A 286 -29.39 8.84 10.51
C PHE A 286 -30.30 7.67 10.16
N ILE A 287 -29.70 6.55 9.76
CA ILE A 287 -30.48 5.33 9.55
C ILE A 287 -30.10 4.22 10.54
N GLU A 288 -28.80 4.01 10.75
CA GLU A 288 -28.34 3.04 11.76
C GLU A 288 -26.86 3.16 12.12
N MET A 289 -26.50 2.54 13.24
CA MET A 289 -25.13 2.45 13.67
C MET A 289 -24.68 1.01 13.63
N ASN A 290 -23.53 0.76 13.00
CA ASN A 290 -22.89 -0.55 13.11
C ASN A 290 -21.97 -0.54 14.30
N THR A 291 -22.24 -1.40 15.27
CA THR A 291 -21.51 -1.35 16.55
C THR A 291 -20.39 -2.39 16.50
N ARG A 292 -19.44 -2.16 15.60
CA ARG A 292 -18.41 -3.12 15.22
C ARG A 292 -17.50 -2.47 14.19
N ILE A 293 -16.40 -3.14 13.85
CA ILE A 293 -15.59 -2.73 12.70
C ILE A 293 -16.45 -2.81 11.42
N GLN A 294 -16.20 -1.88 10.51
CA GLN A 294 -16.89 -1.82 9.24
C GLN A 294 -16.08 -2.59 8.19
N VAL A 295 -16.77 -3.21 7.22
CA VAL A 295 -16.11 -3.95 6.15
C VAL A 295 -15.12 -3.04 5.43
N GLU A 296 -15.61 -1.85 5.08
CA GLU A 296 -14.88 -0.88 4.28
C GLU A 296 -13.97 0.03 5.09
N HIS A 297 -13.67 -0.36 6.34
CA HIS A 297 -12.73 0.40 7.17
C HIS A 297 -11.38 0.77 6.50
N PRO A 298 -10.83 -0.08 5.59
CA PRO A 298 -9.57 0.31 4.93
C PRO A 298 -9.54 1.67 4.22
N VAL A 299 -10.63 2.10 3.58
CA VAL A 299 -10.59 3.41 2.89
C VAL A 299 -10.35 4.55 3.87
N THR A 300 -10.90 4.45 5.07
CA THR A 300 -10.67 5.46 6.10
C THR A 300 -9.21 5.42 6.58
N GLU A 301 -8.68 4.20 6.76
CA GLU A 301 -7.27 4.04 7.15
C GLU A 301 -6.33 4.73 6.17
N MET A 302 -6.61 4.57 4.88
CA MET A 302 -5.77 5.11 3.82
C MET A 302 -5.71 6.63 3.87
N ILE A 303 -6.85 7.27 4.12
CA ILE A 303 -6.92 8.74 4.08
C ILE A 303 -6.58 9.43 5.41
N THR A 304 -6.52 8.67 6.50
CA THR A 304 -6.21 9.22 7.83
C THR A 304 -4.88 8.72 8.41
N GLY A 305 -4.41 7.56 7.96
CA GLY A 305 -3.23 6.93 8.54
C GLY A 305 -3.51 6.13 9.81
N VAL A 306 -4.76 6.16 10.29
CA VAL A 306 -5.11 5.48 11.52
C VAL A 306 -5.39 4.00 11.28
N ASP A 307 -4.68 3.13 12.02
CA ASP A 307 -4.92 1.69 11.94
C ASP A 307 -6.08 1.35 12.89
N LEU A 308 -7.26 1.15 12.31
CA LEU A 308 -8.49 1.01 13.08
C LEU A 308 -8.57 -0.26 13.92
N ILE A 309 -7.98 -1.34 13.41
CA ILE A 309 -7.96 -2.60 14.17
C ILE A 309 -7.00 -2.48 15.35
N LYS A 310 -5.80 -1.95 15.13
CA LYS A 310 -4.86 -1.73 16.22
C LYS A 310 -5.50 -0.82 17.30
N GLU A 311 -6.23 0.20 16.87
CA GLU A 311 -6.97 1.06 17.82
C GLU A 311 -8.02 0.29 18.63
N GLN A 312 -8.78 -0.58 17.97
CA GLN A 312 -9.72 -1.47 18.67
C GLN A 312 -9.00 -2.27 19.76
N LEU A 313 -7.81 -2.79 19.42
CA LEU A 313 -7.05 -3.63 20.35
C LEU A 313 -6.47 -2.85 21.53
N ARG A 314 -6.00 -1.62 21.27
CA ARG A 314 -5.48 -0.74 22.31
C ARG A 314 -6.61 -0.32 23.26
N ILE A 315 -7.76 0.00 22.70
CA ILE A 315 -8.95 0.35 23.47
C ILE A 315 -9.37 -0.81 24.36
N ALA A 316 -9.43 -2.02 23.77
CA ALA A 316 -9.79 -3.23 24.49
C ALA A 316 -8.83 -3.54 25.64
N ALA A 317 -7.56 -3.18 25.45
CA ALA A 317 -6.52 -3.35 26.48
C ALA A 317 -6.63 -2.30 27.58
N GLY A 318 -7.57 -1.37 27.44
CA GLY A 318 -7.85 -0.35 28.45
C GLY A 318 -7.09 0.95 28.26
N GLN A 319 -6.38 1.07 27.14
CA GLN A 319 -5.68 2.31 26.80
C GLN A 319 -6.69 3.37 26.38
N PRO A 320 -6.52 4.61 26.88
CA PRO A 320 -7.30 5.72 26.34
C PRO A 320 -6.86 6.03 24.91
N LEU A 321 -7.75 6.66 24.12
CA LEU A 321 -7.46 6.98 22.72
C LEU A 321 -6.11 7.64 22.51
N SER A 322 -5.33 7.13 21.54
CA SER A 322 -3.97 7.63 21.28
C SER A 322 -3.98 8.87 20.38
N ILE A 323 -5.17 9.34 20.02
CA ILE A 323 -5.38 10.35 18.99
C ILE A 323 -6.40 11.40 19.45
N LYS A 324 -6.03 12.68 19.39
CA LYS A 324 -6.98 13.78 19.59
C LYS A 324 -7.64 14.14 18.26
N GLN A 325 -8.84 14.72 18.32
CA GLN A 325 -9.57 15.14 17.11
C GLN A 325 -8.72 16.02 16.20
N GLU A 326 -8.00 16.97 16.80
CA GLU A 326 -7.10 17.90 16.10
C GLU A 326 -6.02 17.19 15.29
N GLU A 327 -5.69 15.97 15.69
CA GLU A 327 -4.66 15.16 15.04
C GLU A 327 -5.19 14.25 13.92
N VAL A 328 -6.51 14.25 13.70
CA VAL A 328 -7.10 13.51 12.58
C VAL A 328 -7.12 14.39 11.34
N HIS A 329 -6.36 14.00 10.32
CA HIS A 329 -6.33 14.74 9.07
C HIS A 329 -6.72 13.88 7.87
N VAL A 330 -7.56 14.45 7.00
CA VAL A 330 -7.92 13.81 5.75
C VAL A 330 -6.88 14.19 4.69
N ARG A 331 -6.23 13.18 4.14
CA ARG A 331 -5.28 13.39 3.07
C ARG A 331 -5.54 12.41 1.94
N GLY A 332 -5.64 12.93 0.72
CA GLY A 332 -5.82 12.07 -0.46
C GLY A 332 -7.22 11.48 -0.53
N HIS A 333 -7.33 10.34 -1.20
CA HIS A 333 -8.63 9.74 -1.46
C HIS A 333 -8.44 8.25 -1.70
N ALA A 334 -9.40 7.43 -1.29
CA ALA A 334 -9.28 5.98 -1.48
C ALA A 334 -10.58 5.36 -1.94
N VAL A 335 -10.48 4.36 -2.81
CA VAL A 335 -11.65 3.66 -3.29
C VAL A 335 -11.46 2.17 -2.99
N GLU A 336 -12.54 1.52 -2.55
CA GLU A 336 -12.55 0.07 -2.30
C GLU A 336 -13.56 -0.65 -3.19
N CYS A 337 -13.11 -1.70 -3.85
CA CYS A 337 -13.97 -2.58 -4.62
C CYS A 337 -14.04 -3.90 -3.87
N ARG A 338 -15.26 -4.31 -3.51
CA ARG A 338 -15.43 -5.64 -2.91
C ARG A 338 -15.29 -6.70 -3.99
N ILE A 339 -14.53 -7.74 -3.69
CA ILE A 339 -14.36 -8.86 -4.62
C ILE A 339 -15.18 -10.04 -4.09
N ASN A 340 -16.16 -10.46 -4.88
CA ASN A 340 -17.08 -11.50 -4.48
C ASN A 340 -16.99 -12.69 -5.41
N ALA A 341 -17.03 -13.89 -4.82
CA ALA A 341 -17.08 -15.13 -5.60
C ALA A 341 -18.53 -15.39 -6.01
N GLU A 342 -18.94 -14.75 -7.12
CA GLU A 342 -20.30 -14.82 -7.63
C GLU A 342 -20.25 -14.40 -9.11
N ASP A 343 -21.26 -14.79 -9.87
CA ASP A 343 -21.29 -14.43 -11.29
C ASP A 343 -21.52 -12.92 -11.46
N PRO A 344 -20.70 -12.24 -12.31
CA PRO A 344 -20.79 -10.79 -12.46
C PRO A 344 -22.09 -10.27 -13.08
N ASN A 345 -22.97 -11.18 -13.53
CA ASN A 345 -24.23 -10.82 -14.18
C ASN A 345 -25.48 -11.37 -13.51
N THR A 346 -25.47 -12.67 -13.17
CA THR A 346 -26.61 -13.32 -12.50
C THR A 346 -26.43 -13.34 -10.98
N PHE A 347 -25.18 -13.20 -10.55
CA PHE A 347 -24.82 -13.19 -9.13
C PHE A 347 -25.07 -14.51 -8.41
N LEU A 348 -25.08 -15.61 -9.17
CA LEU A 348 -25.04 -16.95 -8.59
C LEU A 348 -23.72 -17.11 -7.84
N PRO A 349 -23.77 -17.52 -6.56
CA PRO A 349 -22.51 -17.73 -5.84
C PRO A 349 -21.62 -18.71 -6.59
N SER A 350 -20.32 -18.47 -6.54
CA SER A 350 -19.36 -19.32 -7.22
C SER A 350 -18.29 -19.83 -6.25
N PRO A 351 -18.66 -20.75 -5.34
CA PRO A 351 -17.63 -21.38 -4.52
C PRO A 351 -16.81 -22.33 -5.38
N GLY A 352 -15.64 -22.72 -4.90
CA GLY A 352 -14.79 -23.61 -5.67
C GLY A 352 -13.32 -23.30 -5.59
N LYS A 353 -12.53 -24.17 -6.22
CA LYS A 353 -11.08 -24.08 -6.15
C LYS A 353 -10.53 -22.98 -7.06
N ILE A 354 -9.71 -22.11 -6.48
CA ILE A 354 -9.02 -21.10 -7.26
C ILE A 354 -7.79 -21.76 -7.90
N THR A 355 -7.81 -21.87 -9.22
CA THR A 355 -6.76 -22.61 -9.92
C THR A 355 -5.55 -21.72 -10.26
N ARG A 356 -5.78 -20.42 -10.36
CA ARG A 356 -4.72 -19.46 -10.62
C ARG A 356 -5.07 -18.15 -9.92
N PHE A 357 -4.07 -17.57 -9.24
CA PHE A 357 -4.26 -16.33 -8.50
C PHE A 357 -3.06 -15.40 -8.61
N HIS A 358 -3.34 -14.14 -8.93
CA HIS A 358 -2.33 -13.11 -8.87
C HIS A 358 -2.90 -11.82 -8.31
N ALA A 359 -2.29 -11.33 -7.25
CA ALA A 359 -2.71 -10.09 -6.60
C ALA A 359 -2.13 -8.87 -7.32
N PRO A 360 -2.90 -7.79 -7.42
CA PRO A 360 -2.35 -6.57 -8.01
C PRO A 360 -1.39 -5.90 -7.03
N GLY A 361 -0.43 -5.13 -7.55
CA GLY A 361 0.47 -4.37 -6.70
C GLY A 361 0.59 -2.95 -7.22
N GLY A 362 1.54 -2.20 -6.68
CA GLY A 362 1.77 -0.82 -7.13
C GLY A 362 1.65 0.19 -6.01
N PHE A 363 2.09 1.41 -6.30
CA PHE A 363 1.98 2.51 -5.37
C PHE A 363 0.50 2.81 -5.11
N GLY A 364 0.12 2.80 -3.84
CA GLY A 364 -1.24 3.14 -3.45
C GLY A 364 -2.23 1.98 -3.57
N VAL A 365 -1.72 0.78 -3.83
CA VAL A 365 -2.57 -0.39 -4.05
C VAL A 365 -2.55 -1.26 -2.80
N ARG A 366 -3.72 -1.54 -2.25
CA ARG A 366 -3.82 -2.37 -1.05
C ARG A 366 -4.77 -3.53 -1.30
N TRP A 367 -4.29 -4.74 -1.00
CA TRP A 367 -5.03 -5.96 -1.29
C TRP A 367 -5.33 -6.69 0.02
N GLU A 368 -6.62 -6.86 0.32
CA GLU A 368 -7.04 -7.48 1.58
C GLU A 368 -7.80 -8.75 1.26
N SER A 369 -7.10 -9.88 1.34
CA SER A 369 -7.72 -11.17 1.06
C SER A 369 -6.91 -12.34 1.57
N HIS A 370 -7.63 -13.35 2.01
CA HIS A 370 -7.05 -14.63 2.41
C HIS A 370 -6.82 -15.59 1.23
N ILE A 371 -7.30 -15.24 0.04
CA ILE A 371 -7.28 -16.24 -1.05
C ILE A 371 -5.88 -16.48 -1.60
N TYR A 372 -5.65 -17.69 -2.09
CA TYR A 372 -4.38 -18.07 -2.70
C TYR A 372 -4.67 -19.13 -3.75
N ALA A 373 -3.72 -19.36 -4.65
CA ALA A 373 -3.87 -20.40 -5.66
C ALA A 373 -3.93 -21.77 -5.00
N GLY A 374 -4.95 -22.55 -5.35
CA GLY A 374 -5.17 -23.88 -4.75
C GLY A 374 -6.19 -23.85 -3.63
N TYR A 375 -6.54 -22.65 -3.19
CA TYR A 375 -7.52 -22.48 -2.11
C TYR A 375 -8.95 -22.70 -2.64
N THR A 376 -9.77 -23.41 -1.86
CA THR A 376 -11.18 -23.62 -2.22
C THR A 376 -12.05 -22.67 -1.42
N VAL A 377 -12.76 -21.80 -2.13
CA VAL A 377 -13.78 -20.94 -1.53
C VAL A 377 -14.97 -21.85 -1.17
N PRO A 378 -15.29 -21.98 0.14
CA PRO A 378 -16.35 -22.93 0.48
C PRO A 378 -17.74 -22.38 0.19
N PRO A 379 -18.73 -23.26 -0.07
CA PRO A 379 -20.09 -22.76 -0.35
C PRO A 379 -20.82 -22.17 0.88
N TYR A 380 -20.27 -22.39 2.07
CA TYR A 380 -21.03 -22.16 3.30
C TYR A 380 -21.14 -20.72 3.76
N TYR A 381 -20.31 -19.84 3.22
CA TYR A 381 -20.18 -18.51 3.79
C TYR A 381 -20.46 -17.43 2.76
N ASP A 382 -20.51 -16.19 3.25
CA ASP A 382 -20.71 -15.00 2.43
C ASP A 382 -19.74 -15.00 1.26
N SER A 383 -20.15 -14.44 0.13
CA SER A 383 -19.34 -14.56 -1.09
C SER A 383 -18.15 -13.61 -1.17
N MET A 384 -18.07 -12.63 -0.26
CA MET A 384 -16.99 -11.66 -0.34
C MET A 384 -15.68 -12.34 0.04
N ILE A 385 -14.75 -12.39 -0.92
CA ILE A 385 -13.49 -13.10 -0.72
C ILE A 385 -12.29 -12.18 -0.61
N GLY A 386 -12.48 -10.91 -0.94
CA GLY A 386 -11.38 -9.99 -0.83
C GLY A 386 -11.84 -8.57 -1.05
N LYS A 387 -10.94 -7.64 -0.78
CA LYS A 387 -11.21 -6.23 -0.97
C LYS A 387 -9.99 -5.60 -1.58
N LEU A 388 -10.21 -4.86 -2.67
CA LEU A 388 -9.15 -4.16 -3.34
C LEU A 388 -9.31 -2.67 -3.07
N ILE A 389 -8.27 -2.06 -2.52
CA ILE A 389 -8.34 -0.67 -2.12
C ILE A 389 -7.21 0.09 -2.80
N CYS A 390 -7.55 1.17 -3.50
CA CYS A 390 -6.55 2.03 -4.10
C CYS A 390 -6.66 3.46 -3.56
N TYR A 391 -5.51 4.01 -3.22
CA TYR A 391 -5.37 5.38 -2.69
C TYR A 391 -4.65 6.25 -3.72
N GLY A 392 -5.03 7.53 -3.79
CA GLY A 392 -4.27 8.51 -4.56
C GLY A 392 -4.31 9.88 -3.90
N GLU A 393 -3.53 10.83 -4.43
CA GLU A 393 -3.54 12.19 -3.90
C GLU A 393 -4.89 12.86 -4.12
N ASN A 394 -5.64 12.34 -5.08
CA ASN A 394 -7.01 12.79 -5.31
C ASN A 394 -7.86 11.64 -5.81
N ARG A 395 -9.16 11.87 -5.95
CA ARG A 395 -10.11 10.85 -6.35
C ARG A 395 -9.83 10.30 -7.76
N ASP A 396 -9.46 11.17 -8.71
CA ASP A 396 -9.14 10.70 -10.06
C ASP A 396 -7.94 9.75 -10.09
N VAL A 397 -6.93 10.03 -9.28
CA VAL A 397 -5.77 9.14 -9.18
C VAL A 397 -6.16 7.77 -8.61
N ALA A 398 -7.00 7.77 -7.57
CA ALA A 398 -7.45 6.54 -6.92
C ALA A 398 -8.23 5.66 -7.90
N ILE A 399 -9.14 6.27 -8.65
CA ILE A 399 -9.93 5.53 -9.65
C ILE A 399 -9.05 4.97 -10.78
N ALA A 400 -8.11 5.79 -11.26
CA ALA A 400 -7.17 5.37 -12.31
C ALA A 400 -6.39 4.14 -11.85
N ARG A 401 -5.89 4.19 -10.61
CA ARG A 401 -5.16 3.07 -10.04
C ARG A 401 -6.04 1.84 -9.85
N MET A 402 -7.30 2.05 -9.47
CA MET A 402 -8.24 0.95 -9.32
C MET A 402 -8.51 0.23 -10.66
N LYS A 403 -8.74 1.01 -11.71
CA LYS A 403 -8.94 0.45 -13.05
C LYS A 403 -7.81 -0.50 -13.41
N ASN A 404 -6.57 -0.05 -13.17
CA ASN A 404 -5.38 -0.82 -13.50
C ASN A 404 -5.21 -2.04 -12.59
N ALA A 405 -5.48 -1.87 -11.29
CA ALA A 405 -5.36 -2.98 -10.35
C ALA A 405 -6.38 -4.09 -10.66
N LEU A 406 -7.60 -3.69 -11.04
CA LEU A 406 -8.65 -4.64 -11.41
C LEU A 406 -8.28 -5.46 -12.64
N GLN A 407 -7.54 -4.84 -13.56
CA GLN A 407 -7.05 -5.53 -14.76
C GLN A 407 -5.92 -6.53 -14.43
N GLU A 408 -5.06 -6.20 -13.46
CA GLU A 408 -3.99 -7.09 -13.00
C GLU A 408 -4.46 -8.29 -12.19
N LEU A 409 -5.54 -8.11 -11.45
CA LEU A 409 -6.06 -9.15 -10.56
C LEU A 409 -6.48 -10.39 -11.34
N ILE A 410 -5.93 -11.54 -10.97
CA ILE A 410 -6.29 -12.81 -11.59
C ILE A 410 -6.87 -13.74 -10.55
N ILE A 411 -8.11 -14.16 -10.76
CA ILE A 411 -8.75 -15.20 -9.96
C ILE A 411 -9.47 -16.15 -10.93
N ASP A 412 -8.84 -17.29 -11.24
CA ASP A 412 -9.41 -18.27 -12.16
C ASP A 412 -9.98 -19.45 -11.38
N GLY A 413 -10.99 -20.10 -11.95
CA GLY A 413 -11.55 -21.33 -11.39
C GLY A 413 -12.94 -21.10 -10.81
N ILE A 414 -13.24 -19.84 -10.53
CA ILE A 414 -14.53 -19.44 -10.01
C ILE A 414 -14.91 -18.14 -10.70
N LYS A 415 -16.20 -17.84 -10.70
CA LYS A 415 -16.68 -16.55 -11.20
C LYS A 415 -16.47 -15.50 -10.11
N THR A 416 -16.19 -14.26 -10.53
CA THR A 416 -16.07 -13.16 -9.58
C THR A 416 -16.78 -11.95 -10.17
N ASN A 417 -16.96 -10.93 -9.35
CA ASN A 417 -17.55 -9.68 -9.80
C ASN A 417 -16.53 -8.68 -10.32
N VAL A 418 -15.32 -9.16 -10.65
CA VAL A 418 -14.26 -8.25 -11.13
C VAL A 418 -14.71 -7.47 -12.39
N ASP A 419 -15.40 -8.17 -13.29
CA ASP A 419 -15.92 -7.54 -14.50
C ASP A 419 -16.95 -6.44 -14.23
N LEU A 420 -17.81 -6.66 -13.22
CA LEU A 420 -18.74 -5.62 -12.76
C LEU A 420 -18.01 -4.39 -12.20
N GLN A 421 -16.99 -4.63 -11.38
CA GLN A 421 -16.21 -3.54 -10.78
C GLN A 421 -15.51 -2.69 -11.83
N ILE A 422 -14.99 -3.35 -12.85
CA ILE A 422 -14.37 -2.67 -14.00
C ILE A 422 -15.41 -1.76 -14.67
N ARG A 423 -16.63 -2.27 -14.84
CA ARG A 423 -17.72 -1.47 -15.44
C ARG A 423 -18.05 -0.24 -14.59
N ILE A 424 -18.10 -0.42 -13.27
CA ILE A 424 -18.40 0.69 -12.36
C ILE A 424 -17.32 1.77 -12.41
N MET A 425 -16.04 1.36 -12.40
CA MET A 425 -14.93 2.32 -12.48
C MET A 425 -14.98 3.11 -13.79
N ASN A 426 -15.50 2.46 -14.83
CA ASN A 426 -15.62 3.02 -16.17
C ASN A 426 -16.87 3.89 -16.37
N ASP A 427 -17.79 3.85 -15.40
CA ASP A 427 -19.04 4.57 -15.51
C ASP A 427 -18.82 6.08 -15.36
N GLU A 428 -19.31 6.86 -16.32
CA GLU A 428 -19.07 8.32 -16.36
C GLU A 428 -19.67 9.06 -15.18
N ASN A 429 -20.80 8.58 -14.68
CA ASN A 429 -21.45 9.19 -13.53
C ASN A 429 -20.68 8.92 -12.25
N PHE A 430 -20.19 7.69 -12.10
CA PHE A 430 -19.31 7.37 -10.98
C PHE A 430 -18.06 8.26 -11.00
N GLN A 431 -17.46 8.38 -12.18
CA GLN A 431 -16.26 9.21 -12.36
C GLN A 431 -16.49 10.69 -11.99
N HIS A 432 -17.68 11.20 -12.31
CA HIS A 432 -18.09 12.53 -11.87
C HIS A 432 -18.24 12.56 -10.34
N GLY A 433 -18.88 11.55 -9.78
CA GLY A 433 -19.06 11.45 -8.34
C GLY A 433 -20.48 11.81 -7.93
N GLY A 434 -20.86 11.41 -6.72
CA GLY A 434 -22.16 11.79 -6.17
C GLY A 434 -23.37 11.02 -6.63
N THR A 435 -23.16 9.86 -7.27
CA THR A 435 -24.30 9.00 -7.64
C THR A 435 -25.02 8.51 -6.40
N ASN A 436 -26.35 8.37 -6.51
CA ASN A 436 -27.17 8.00 -5.36
C ASN A 436 -27.27 6.49 -5.14
N ILE A 437 -27.98 6.10 -4.08
CA ILE A 437 -28.08 4.71 -3.63
C ILE A 437 -28.86 3.79 -4.58
N HIS A 438 -29.51 4.39 -5.58
CA HIS A 438 -30.34 3.65 -6.53
C HIS A 438 -29.65 3.45 -7.87
N TYR A 439 -28.49 4.07 -8.03
CA TYR A 439 -27.82 4.13 -9.33
C TYR A 439 -27.37 2.78 -9.90
N LEU A 440 -26.74 1.95 -9.08
CA LEU A 440 -26.15 0.71 -9.60
C LEU A 440 -27.21 -0.21 -10.19
N GLU A 441 -28.29 -0.43 -9.43
CA GLU A 441 -29.39 -1.27 -9.90
C GLU A 441 -30.08 -0.71 -11.15
N LYS A 442 -30.17 0.62 -11.25
CA LYS A 442 -30.65 1.28 -12.49
C LYS A 442 -29.70 1.05 -13.66
N LYS A 443 -28.40 1.16 -13.39
CA LYS A 443 -27.36 0.88 -14.38
C LYS A 443 -27.46 -0.57 -14.86
N LEU A 444 -27.71 -1.49 -13.94
CA LEU A 444 -27.81 -2.92 -14.24
C LEU A 444 -29.16 -3.29 -14.86
N MET B 1 0.72 14.59 -22.23
CA MET B 1 1.51 13.34 -21.95
C MET B 1 2.03 12.71 -23.23
N LEU B 2 3.08 11.90 -23.07
CA LEU B 2 3.68 11.13 -24.17
C LEU B 2 2.70 10.06 -24.62
N ASP B 3 2.57 9.88 -25.94
CA ASP B 3 1.53 8.99 -26.49
C ASP B 3 1.81 7.51 -26.21
N LYS B 4 3.07 7.13 -26.40
CA LYS B 4 3.47 5.73 -26.40
C LYS B 4 4.96 5.67 -26.08
N ILE B 5 5.33 4.83 -25.12
CA ILE B 5 6.75 4.72 -24.76
C ILE B 5 7.24 3.28 -24.81
N VAL B 6 8.53 3.12 -25.09
CA VAL B 6 9.20 1.85 -25.00
C VAL B 6 9.75 1.78 -23.58
N ILE B 7 9.43 0.68 -22.90
CA ILE B 7 10.03 0.40 -21.59
C ILE B 7 11.28 -0.44 -21.85
N ALA B 8 12.44 0.20 -21.82
CA ALA B 8 13.67 -0.46 -22.22
C ALA B 8 14.34 -1.12 -21.01
N ASN B 9 13.63 -2.09 -20.43
CA ASN B 9 14.08 -2.78 -19.25
C ASN B 9 13.22 -4.04 -19.06
N ARG B 10 13.36 -4.68 -17.90
CA ARG B 10 12.71 -5.95 -17.62
C ARG B 10 12.36 -6.03 -16.14
N GLY B 11 11.74 -7.14 -15.75
CA GLY B 11 11.56 -7.43 -14.34
C GLY B 11 10.70 -6.44 -13.60
N GLU B 12 11.04 -6.20 -12.36
CA GLU B 12 10.17 -5.43 -11.47
C GLU B 12 10.07 -3.96 -11.89
N ILE B 13 11.19 -3.38 -12.32
CA ILE B 13 11.19 -1.97 -12.70
C ILE B 13 10.38 -1.74 -13.96
N ALA B 14 10.39 -2.70 -14.88
CA ALA B 14 9.60 -2.59 -16.09
C ALA B 14 8.11 -2.61 -15.74
N LEU B 15 7.72 -3.47 -14.79
CA LEU B 15 6.33 -3.49 -14.32
C LEU B 15 5.95 -2.18 -13.60
N ARG B 16 6.87 -1.68 -12.78
CA ARG B 16 6.69 -0.41 -12.10
C ARG B 16 6.41 0.72 -13.11
N ILE B 17 7.21 0.75 -14.16
CA ILE B 17 7.05 1.78 -15.19
C ILE B 17 5.73 1.58 -15.93
N LEU B 18 5.40 0.32 -16.26
CA LEU B 18 4.16 0.04 -16.98
C LEU B 18 2.95 0.56 -16.20
N ARG B 19 2.96 0.35 -14.89
CA ARG B 19 1.84 0.79 -14.06
C ARG B 19 1.64 2.31 -14.07
N ALA B 20 2.75 3.04 -13.97
CA ALA B 20 2.71 4.51 -14.09
C ALA B 20 2.18 4.96 -15.45
N CYS B 21 2.59 4.28 -16.51
CA CYS B 21 2.10 4.59 -17.88
C CYS B 21 0.60 4.40 -17.99
N LYS B 22 0.13 3.24 -17.52
CA LYS B 22 -1.29 2.89 -17.53
C LYS B 22 -2.13 3.89 -16.74
N GLU B 23 -1.58 4.36 -15.62
CA GLU B 23 -2.28 5.37 -14.82
C GLU B 23 -2.44 6.67 -15.60
N LEU B 24 -1.42 7.06 -16.35
CA LEU B 24 -1.44 8.31 -17.12
C LEU B 24 -2.02 8.21 -18.53
N GLY B 25 -2.42 7.01 -18.94
CA GLY B 25 -3.01 6.78 -20.26
C GLY B 25 -1.97 6.68 -21.37
N ILE B 26 -0.73 6.42 -20.99
CA ILE B 26 0.37 6.31 -21.95
C ILE B 26 0.43 4.86 -22.45
N LYS B 27 0.39 4.69 -23.77
CA LYS B 27 0.50 3.36 -24.39
C LYS B 27 1.89 2.77 -24.14
N THR B 28 1.96 1.47 -23.93
CA THR B 28 3.24 0.83 -23.60
C THR B 28 3.71 -0.12 -24.68
N VAL B 29 5.01 -0.11 -24.90
CA VAL B 29 5.68 -1.06 -25.75
C VAL B 29 6.72 -1.78 -24.90
N ALA B 30 6.50 -3.08 -24.71
CA ALA B 30 7.46 -3.89 -23.99
C ALA B 30 8.44 -4.53 -24.96
N VAL B 31 9.70 -4.11 -24.91
CA VAL B 31 10.76 -4.78 -25.63
C VAL B 31 11.36 -5.80 -24.68
N HIS B 32 11.59 -7.00 -25.20
CA HIS B 32 12.01 -8.12 -24.36
C HIS B 32 12.91 -9.09 -25.10
N SER B 33 13.72 -9.81 -24.34
CA SER B 33 14.50 -10.91 -24.87
C SER B 33 13.60 -12.14 -25.04
N SER B 34 14.11 -13.12 -25.78
CA SER B 34 13.40 -14.37 -26.02
C SER B 34 13.17 -15.17 -24.73
N ALA B 35 13.99 -14.92 -23.71
CA ALA B 35 13.81 -15.55 -22.40
C ALA B 35 12.75 -14.86 -21.54
N ASP B 36 12.27 -13.69 -21.99
CA ASP B 36 11.41 -12.81 -21.18
C ASP B 36 10.02 -12.61 -21.76
N ARG B 37 9.62 -13.53 -22.63
CA ARG B 37 8.30 -13.51 -23.25
C ARG B 37 7.20 -13.59 -22.20
N ASP B 38 7.49 -14.25 -21.08
CA ASP B 38 6.49 -14.46 -20.02
C ASP B 38 6.59 -13.53 -18.81
N LEU B 39 7.41 -12.48 -18.92
CA LEU B 39 7.43 -11.43 -17.90
C LEU B 39 6.03 -10.85 -17.74
N LYS B 40 5.66 -10.57 -16.49
CA LYS B 40 4.35 -10.00 -16.22
C LYS B 40 4.08 -8.72 -17.03
N HIS B 41 5.04 -7.81 -17.08
CA HIS B 41 4.79 -6.53 -17.76
C HIS B 41 4.63 -6.69 -19.28
N VAL B 42 5.37 -7.65 -19.84
CA VAL B 42 5.23 -8.02 -21.26
C VAL B 42 3.80 -8.50 -21.52
N LEU B 43 3.30 -9.38 -20.66
CA LEU B 43 1.94 -9.92 -20.80
C LEU B 43 0.88 -8.83 -20.62
N LEU B 44 1.21 -7.78 -19.86
CA LEU B 44 0.28 -6.67 -19.63
C LEU B 44 0.40 -5.52 -20.62
N ALA B 45 1.48 -5.46 -21.39
CA ALA B 45 1.74 -4.30 -22.25
C ALA B 45 0.80 -4.27 -23.46
N ASP B 46 0.62 -3.08 -24.03
CA ASP B 46 -0.24 -2.88 -25.19
C ASP B 46 0.40 -3.53 -26.42
N GLU B 47 1.70 -3.33 -26.57
CA GLU B 47 2.46 -3.93 -27.68
C GLU B 47 3.74 -4.52 -27.17
N THR B 48 4.19 -5.58 -27.83
CA THR B 48 5.44 -6.23 -27.47
C THR B 48 6.32 -6.45 -28.69
N VAL B 49 7.63 -6.40 -28.48
CA VAL B 49 8.61 -6.66 -29.54
C VAL B 49 9.71 -7.48 -28.92
N CYS B 50 9.98 -8.62 -29.51
CA CYS B 50 11.11 -9.42 -29.10
C CYS B 50 12.34 -8.84 -29.79
N ILE B 51 13.28 -8.34 -29.01
CA ILE B 51 14.42 -7.58 -29.57
C ILE B 51 15.69 -8.40 -29.77
N GLY B 52 15.72 -9.62 -29.24
CA GLY B 52 16.83 -10.52 -29.49
C GLY B 52 16.86 -11.68 -28.51
N PRO B 53 17.92 -12.51 -28.59
CA PRO B 53 18.03 -13.66 -27.68
C PRO B 53 18.27 -13.25 -26.23
N ALA B 54 18.34 -14.25 -25.36
CA ALA B 54 18.45 -14.05 -23.91
C ALA B 54 19.62 -13.18 -23.44
N PRO B 55 20.84 -13.44 -23.93
CA PRO B 55 21.94 -12.63 -23.37
C PRO B 55 21.72 -11.14 -23.59
N SER B 56 21.98 -10.35 -22.54
CA SER B 56 21.68 -8.93 -22.56
C SER B 56 22.38 -8.15 -23.67
N VAL B 57 23.58 -8.59 -24.06
CA VAL B 57 24.31 -7.92 -25.16
C VAL B 57 23.47 -7.85 -26.45
N LYS B 58 22.64 -8.87 -26.66
CA LYS B 58 21.84 -8.95 -27.87
C LYS B 58 20.40 -8.50 -27.69
N SER B 59 20.02 -8.17 -26.44
CA SER B 59 18.68 -7.64 -26.19
C SER B 59 18.73 -6.31 -25.43
N TYR B 60 18.84 -6.37 -24.10
CA TYR B 60 18.64 -5.17 -23.26
C TYR B 60 19.75 -4.14 -23.36
N LEU B 61 20.89 -4.55 -23.93
CA LEU B 61 22.01 -3.63 -24.17
C LEU B 61 22.17 -3.34 -25.66
N ASN B 62 21.24 -3.84 -26.45
CA ASN B 62 21.30 -3.79 -27.91
C ASN B 62 20.68 -2.49 -28.42
N ILE B 63 21.50 -1.46 -28.51
CA ILE B 63 21.02 -0.11 -28.88
C ILE B 63 20.23 -0.10 -30.19
N PRO B 64 20.80 -0.63 -31.30
CA PRO B 64 20.05 -0.65 -32.56
C PRO B 64 18.69 -1.35 -32.48
N ALA B 65 18.63 -2.47 -31.77
CA ALA B 65 17.38 -3.22 -31.64
C ALA B 65 16.30 -2.44 -30.89
N ILE B 66 16.69 -1.75 -29.82
CA ILE B 66 15.73 -0.99 -28.98
C ILE B 66 15.21 0.21 -29.77
N ILE B 67 16.12 0.92 -30.42
CA ILE B 67 15.71 2.06 -31.24
C ILE B 67 14.84 1.65 -32.43
N SER B 68 15.19 0.54 -33.07
CA SER B 68 14.35 -0.02 -34.14
C SER B 68 12.95 -0.36 -33.64
N ALA B 69 12.86 -0.92 -32.44
CA ALA B 69 11.56 -1.28 -31.84
C ALA B 69 10.70 -0.04 -31.58
N ALA B 70 11.33 1.02 -31.10
CA ALA B 70 10.66 2.32 -30.95
C ALA B 70 10.13 2.85 -32.29
N GLU B 71 10.95 2.73 -33.34
CA GLU B 71 10.54 3.19 -34.66
C GLU B 71 9.35 2.42 -35.20
N ILE B 72 9.41 1.09 -35.16
CA ILE B 72 8.37 0.27 -35.80
C ILE B 72 7.00 0.37 -35.11
N THR B 73 7.02 0.62 -33.80
CA THR B 73 5.78 0.71 -33.03
C THR B 73 5.18 2.11 -33.00
N GLY B 74 5.93 3.09 -33.49
CA GLY B 74 5.48 4.48 -33.45
C GLY B 74 5.54 5.07 -32.05
N ALA B 75 6.45 4.56 -31.22
CA ALA B 75 6.66 5.09 -29.87
C ALA B 75 7.33 6.46 -29.97
N VAL B 76 7.25 7.27 -28.91
CA VAL B 76 7.80 8.62 -28.95
C VAL B 76 8.90 8.83 -27.91
N ALA B 77 9.06 7.86 -27.01
CA ALA B 77 9.96 8.00 -25.88
C ALA B 77 10.43 6.64 -25.40
N ILE B 78 11.55 6.64 -24.70
CA ILE B 78 12.14 5.40 -24.16
C ILE B 78 12.46 5.64 -22.69
N HIS B 79 11.89 4.81 -21.82
CA HIS B 79 12.27 4.80 -20.41
C HIS B 79 13.28 3.68 -20.17
N PRO B 80 14.52 4.04 -19.78
CA PRO B 80 15.56 3.02 -19.61
C PRO B 80 15.56 2.29 -18.25
N GLY B 81 14.66 2.68 -17.35
CA GLY B 81 14.66 2.12 -15.99
C GLY B 81 15.96 2.40 -15.24
N TYR B 82 16.49 1.38 -14.56
CA TYR B 82 17.81 1.46 -13.93
C TYR B 82 18.69 0.31 -14.44
N GLY B 83 20.00 0.45 -14.28
CA GLY B 83 20.92 -0.55 -14.85
C GLY B 83 20.89 -0.50 -16.37
N PHE B 84 21.48 -1.41 -16.96
CA PHE B 84 21.45 -1.55 -18.41
C PHE B 84 21.95 -0.27 -19.05
N LEU B 85 21.09 0.34 -19.89
CA LEU B 85 21.52 1.52 -20.67
C LEU B 85 21.16 2.87 -20.03
N SER B 86 20.59 2.84 -18.83
CA SER B 86 20.01 4.04 -18.22
C SER B 86 21.04 5.14 -17.96
N GLU B 87 22.28 4.75 -17.69
CA GLU B 87 23.35 5.71 -17.50
C GLU B 87 24.42 5.57 -18.58
N ASN B 88 23.99 5.11 -19.74
CA ASN B 88 24.84 5.04 -20.93
C ASN B 88 24.62 6.31 -21.75
N ALA B 89 25.59 7.22 -21.69
CA ALA B 89 25.46 8.53 -22.35
C ALA B 89 25.33 8.39 -23.86
N ASN B 90 26.03 7.41 -24.42
CA ASN B 90 25.98 7.19 -25.86
C ASN B 90 24.61 6.71 -26.32
N PHE B 91 23.95 5.90 -25.50
CA PHE B 91 22.57 5.48 -25.76
C PHE B 91 21.62 6.67 -25.70
N ALA B 92 21.75 7.47 -24.64
CA ALA B 92 20.95 8.69 -24.46
C ALA B 92 21.11 9.63 -25.66
N GLU B 93 22.34 9.86 -26.12
CA GLU B 93 22.51 10.74 -27.28
C GLU B 93 21.94 10.12 -28.57
N GLN B 94 22.09 8.81 -28.73
CA GLN B 94 21.56 8.14 -29.91
C GLN B 94 20.02 8.23 -29.96
N VAL B 95 19.38 8.00 -28.80
CA VAL B 95 17.92 8.14 -28.65
C VAL B 95 17.45 9.54 -29.06
N GLU B 96 18.11 10.57 -28.52
CA GLU B 96 17.77 11.96 -28.83
C GLU B 96 18.03 12.32 -30.29
N ARG B 97 19.14 11.80 -30.84
CA ARG B 97 19.49 12.02 -32.24
C ARG B 97 18.51 11.36 -33.20
N SER B 98 17.96 10.21 -32.80
CA SER B 98 16.95 9.49 -33.58
C SER B 98 15.56 10.12 -33.50
N GLY B 99 15.39 11.11 -32.62
CA GLY B 99 14.17 11.90 -32.55
C GLY B 99 13.22 11.51 -31.44
N PHE B 100 13.66 10.57 -30.60
CA PHE B 100 12.85 10.10 -29.49
C PHE B 100 13.23 10.81 -28.20
N ILE B 101 12.27 10.94 -27.30
CA ILE B 101 12.54 11.48 -25.98
C ILE B 101 13.19 10.39 -25.12
N PHE B 102 14.32 10.75 -24.51
CA PHE B 102 14.95 9.92 -23.50
C PHE B 102 14.42 10.33 -22.13
N ILE B 103 13.76 9.41 -21.43
CA ILE B 103 13.23 9.72 -20.10
C ILE B 103 14.36 9.63 -19.07
N GLY B 104 15.07 10.74 -18.95
CA GLY B 104 16.27 10.83 -18.13
C GLY B 104 16.94 12.17 -18.37
N PRO B 105 18.18 12.34 -17.88
CA PRO B 105 18.85 13.62 -18.10
C PRO B 105 19.31 13.75 -19.56
N LYS B 106 19.79 14.92 -19.93
CA LYS B 106 20.52 15.11 -21.18
C LYS B 106 21.78 14.25 -21.21
N ALA B 107 22.14 13.76 -22.40
CA ALA B 107 23.34 12.93 -22.56
C ALA B 107 24.60 13.56 -21.95
N GLU B 108 24.80 14.87 -22.16
CA GLU B 108 25.96 15.58 -21.58
C GLU B 108 26.01 15.42 -20.07
N THR B 109 24.85 15.50 -19.44
CA THR B 109 24.75 15.43 -17.98
C THR B 109 25.09 14.03 -17.48
N ILE B 110 24.62 13.02 -18.20
CA ILE B 110 24.97 11.64 -17.92
C ILE B 110 26.49 11.42 -17.95
N ARG B 111 27.18 11.89 -18.99
CA ARG B 111 28.64 11.71 -18.97
C ARG B 111 29.39 12.59 -17.98
N LEU B 112 28.91 13.81 -17.74
CA LEU B 112 29.46 14.65 -16.67
C LEU B 112 29.47 13.91 -15.34
N MET B 113 28.31 13.34 -14.98
CA MET B 113 28.15 12.69 -13.67
C MET B 113 28.52 11.22 -13.68
N GLY B 114 28.75 10.66 -14.87
CA GLY B 114 29.16 9.26 -15.02
C GLY B 114 30.66 9.09 -14.94
N ASP B 115 31.39 10.19 -15.11
CA ASP B 115 32.82 10.18 -14.86
C ASP B 115 33.02 10.74 -13.46
N LYS B 116 33.62 9.95 -12.59
CA LYS B 116 33.69 10.29 -11.18
C LYS B 116 34.53 11.53 -10.90
N VAL B 117 35.62 11.70 -11.64
CA VAL B 117 36.47 12.88 -11.50
C VAL B 117 35.71 14.17 -11.86
N SER B 118 35.12 14.20 -13.05
CA SER B 118 34.34 15.36 -13.47
C SER B 118 33.11 15.61 -12.58
N ALA B 119 32.48 14.52 -12.12
CA ALA B 119 31.32 14.62 -11.21
C ALA B 119 31.68 15.31 -9.92
N ILE B 120 32.77 14.86 -9.28
CA ILE B 120 33.23 15.47 -8.03
C ILE B 120 33.61 16.95 -8.24
N ALA B 121 34.32 17.23 -9.33
CA ALA B 121 34.68 18.62 -9.67
C ALA B 121 33.43 19.50 -9.80
N ALA B 122 32.41 19.02 -10.51
CA ALA B 122 31.15 19.75 -10.65
C ALA B 122 30.45 19.97 -9.31
N MET B 123 30.50 18.96 -8.43
CA MET B 123 29.86 19.07 -7.12
C MET B 123 30.58 20.04 -6.18
N LYS B 124 31.91 20.01 -6.19
CA LYS B 124 32.72 20.94 -5.39
C LYS B 124 32.39 22.38 -5.77
N LYS B 125 32.38 22.64 -7.08
CA LYS B 125 32.05 23.93 -7.66
C LYS B 125 30.64 24.41 -7.25
N ALA B 126 29.70 23.47 -7.16
CA ALA B 126 28.30 23.78 -6.84
C ALA B 126 28.07 24.03 -5.35
N GLY B 127 29.04 23.66 -4.51
CA GLY B 127 28.91 23.78 -3.06
C GLY B 127 28.45 22.52 -2.35
N VAL B 128 28.41 21.40 -3.06
CA VAL B 128 28.08 20.11 -2.44
C VAL B 128 29.32 19.58 -1.72
N PRO B 129 29.17 19.18 -0.45
CA PRO B 129 30.33 18.67 0.29
C PRO B 129 30.86 17.35 -0.29
N CYS B 130 32.15 17.34 -0.60
CA CYS B 130 32.79 16.18 -1.21
C CYS B 130 33.81 15.55 -0.26
N VAL B 131 34.28 14.35 -0.60
CA VAL B 131 35.33 13.69 0.18
C VAL B 131 36.65 14.37 -0.18
N PRO B 132 37.46 14.74 0.82
CA PRO B 132 38.80 15.26 0.48
C PRO B 132 39.53 14.25 -0.41
N GLY B 133 40.17 14.74 -1.46
CA GLY B 133 40.80 13.84 -2.42
C GLY B 133 41.74 14.53 -3.41
N SER B 134 42.15 13.78 -4.42
CA SER B 134 43.12 14.28 -5.40
C SER B 134 42.56 15.42 -6.24
N ASP B 135 41.23 15.48 -6.32
CA ASP B 135 40.55 16.52 -7.11
C ASP B 135 41.13 16.61 -8.53
N GLY B 136 41.20 15.45 -9.17
CA GLY B 136 41.79 15.32 -10.49
C GLY B 136 42.36 13.92 -10.63
N PRO B 137 42.71 13.53 -11.87
CA PRO B 137 43.23 12.19 -12.11
C PRO B 137 44.67 12.04 -11.61
N LEU B 138 45.02 10.84 -11.16
CA LEU B 138 46.39 10.55 -10.76
C LEU B 138 47.26 10.34 -11.99
N GLY B 139 48.46 10.91 -11.96
CA GLY B 139 49.46 10.63 -12.99
C GLY B 139 50.36 9.46 -12.61
N ASP B 140 51.44 9.28 -13.37
CA ASP B 140 52.38 8.19 -13.11
C ASP B 140 53.49 8.61 -12.14
N ASP B 141 53.57 9.90 -11.86
CA ASP B 141 54.56 10.45 -10.94
C ASP B 141 54.25 10.09 -9.50
N MET B 142 54.98 9.12 -8.96
CA MET B 142 54.75 8.57 -7.62
C MET B 142 55.17 9.49 -6.47
N ASP B 143 55.98 10.50 -6.79
CA ASP B 143 56.34 11.53 -5.81
C ASP B 143 55.14 12.44 -5.59
N LYS B 144 54.53 12.88 -6.69
CA LYS B 144 53.30 13.67 -6.64
C LYS B 144 52.17 12.89 -5.96
N ASN B 145 52.04 11.61 -6.32
CA ASN B 145 51.01 10.74 -5.73
C ASN B 145 51.15 10.59 -4.21
N ARG B 146 52.38 10.35 -3.74
CA ARG B 146 52.69 10.32 -2.30
C ARG B 146 52.36 11.64 -1.58
N ALA B 147 52.61 12.77 -2.24
CA ALA B 147 52.32 14.09 -1.70
C ALA B 147 50.81 14.32 -1.57
N ILE B 148 50.06 13.83 -2.55
CA ILE B 148 48.59 13.88 -2.51
C ILE B 148 48.07 13.05 -1.33
N ALA B 149 48.61 11.84 -1.16
CA ALA B 149 48.21 10.98 -0.04
C ALA B 149 48.55 11.60 1.31
N LYS B 150 49.67 12.33 1.36
CA LYS B 150 50.12 13.02 2.57
C LYS B 150 49.12 14.09 3.03
N ARG B 151 48.71 14.95 2.10
CA ARG B 151 47.78 16.05 2.44
C ARG B 151 46.38 15.57 2.78
N ILE B 152 45.94 14.49 2.12
CA ILE B 152 44.65 13.87 2.41
C ILE B 152 44.72 13.21 3.78
N GLY B 153 45.83 12.52 4.03
CA GLY B 153 46.01 11.75 5.25
C GLY B 153 45.48 10.35 5.04
N TYR B 154 46.33 9.35 5.30
CA TYR B 154 45.94 7.94 5.25
C TYR B 154 44.94 7.63 6.36
N PRO B 155 44.08 6.61 6.17
CA PRO B 155 43.98 5.78 4.97
C PRO B 155 43.34 6.53 3.79
N VAL B 156 43.77 6.19 2.58
CA VAL B 156 43.18 6.73 1.38
C VAL B 156 42.61 5.57 0.57
N ILE B 157 41.88 5.90 -0.47
CA ILE B 157 41.32 4.89 -1.37
C ILE B 157 41.55 5.32 -2.81
N ILE B 158 42.00 4.37 -3.63
CA ILE B 158 42.21 4.60 -5.05
C ILE B 158 40.97 4.10 -5.79
N LYS B 159 40.40 4.97 -6.62
CA LYS B 159 39.13 4.68 -7.29
C LYS B 159 39.23 4.94 -8.78
N ALA B 160 38.63 4.05 -9.57
CA ALA B 160 38.51 4.23 -11.01
C ALA B 160 37.46 5.28 -11.31
N SER B 161 37.80 6.23 -12.16
CA SER B 161 36.88 7.30 -12.56
C SER B 161 35.75 6.78 -13.45
N GLY B 162 36.09 5.89 -14.39
CA GLY B 162 35.13 5.30 -15.31
C GLY B 162 34.32 4.16 -14.70
N GLY B 163 34.67 3.81 -13.46
CA GLY B 163 34.02 2.75 -12.71
C GLY B 163 32.60 3.09 -12.30
N GLY B 164 31.68 3.00 -13.26
CA GLY B 164 30.26 3.17 -12.98
C GLY B 164 29.68 1.88 -12.43
N GLY B 165 30.47 1.24 -11.55
CA GLY B 165 30.14 -0.06 -10.99
C GLY B 165 31.14 -0.46 -9.92
N GLY B 166 30.81 -1.52 -9.19
CA GLY B 166 31.53 -1.95 -7.98
C GLY B 166 33.05 -1.97 -8.01
N ARG B 167 33.61 -2.73 -8.95
CA ARG B 167 35.07 -2.97 -9.00
C ARG B 167 35.87 -1.71 -9.33
N GLY B 168 37.15 -1.71 -8.96
CA GLY B 168 38.05 -0.60 -9.24
C GLY B 168 38.31 0.27 -8.03
N MET B 169 38.54 -0.39 -6.89
CA MET B 169 38.74 0.29 -5.62
C MET B 169 39.71 -0.46 -4.74
N ARG B 170 40.63 0.28 -4.11
CA ARG B 170 41.68 -0.31 -3.32
C ARG B 170 42.10 0.63 -2.19
N VAL B 171 42.00 0.13 -0.95
CA VAL B 171 42.34 0.90 0.24
C VAL B 171 43.86 0.87 0.46
N VAL B 172 44.43 2.04 0.75
CA VAL B 172 45.85 2.18 0.99
C VAL B 172 46.06 2.82 2.35
N ARG B 173 46.89 2.20 3.19
CA ARG B 173 47.10 2.68 4.56
C ARG B 173 48.49 3.28 4.81
N GLY B 174 49.40 3.09 3.84
CA GLY B 174 50.74 3.64 3.92
C GLY B 174 51.44 3.73 2.57
N ASP B 175 52.58 4.39 2.55
CA ASP B 175 53.36 4.62 1.31
C ASP B 175 53.79 3.34 0.60
N ALA B 176 54.08 2.30 1.38
CA ALA B 176 54.58 1.02 0.84
C ALA B 176 53.66 0.39 -0.20
N GLU B 177 52.35 0.44 0.05
CA GLU B 177 51.36 -0.21 -0.82
C GLU B 177 50.78 0.74 -1.88
N LEU B 178 51.18 2.01 -1.85
CA LEU B 178 50.58 3.03 -2.71
C LEU B 178 50.78 2.82 -4.21
N ALA B 179 52.04 2.63 -4.63
CA ALA B 179 52.38 2.47 -6.05
C ALA B 179 51.70 1.25 -6.68
N GLN B 180 51.78 0.12 -5.99
CA GLN B 180 51.14 -1.13 -6.42
C GLN B 180 49.64 -0.97 -6.56
N SER B 181 49.02 -0.39 -5.54
CA SER B 181 47.57 -0.18 -5.52
C SER B 181 47.08 0.70 -6.67
N ILE B 182 47.86 1.75 -7.00
CA ILE B 182 47.52 2.61 -8.13
C ILE B 182 47.62 1.83 -9.45
N SER B 183 48.73 1.13 -9.65
CA SER B 183 48.95 0.28 -10.83
C SER B 183 47.85 -0.76 -11.01
N MET B 184 47.54 -1.46 -9.92
CA MET B 184 46.52 -2.50 -9.90
C MET B 184 45.15 -1.96 -10.32
N THR B 185 44.72 -0.87 -9.68
CA THR B 185 43.43 -0.24 -9.97
C THR B 185 43.38 0.32 -11.39
N ARG B 186 44.48 0.94 -11.81
CA ARG B 186 44.64 1.47 -13.17
C ARG B 186 44.50 0.38 -14.24
N ALA B 187 45.17 -0.75 -14.01
CA ALA B 187 45.12 -1.90 -14.92
C ALA B 187 43.70 -2.46 -15.03
N GLU B 188 43.05 -2.64 -13.88
CA GLU B 188 41.68 -3.18 -13.82
C GLU B 188 40.69 -2.25 -14.50
N ALA B 189 40.88 -0.94 -14.31
CA ALA B 189 40.04 0.09 -14.93
C ALA B 189 40.15 0.04 -16.45
N LYS B 190 41.39 -0.10 -16.94
CA LYS B 190 41.64 -0.19 -18.37
C LYS B 190 40.97 -1.43 -18.97
N ALA B 191 41.03 -2.55 -18.25
CA ALA B 191 40.43 -3.80 -18.70
C ALA B 191 38.91 -3.73 -18.73
N ALA B 192 38.33 -3.10 -17.72
CA ALA B 192 36.88 -3.10 -17.50
C ALA B 192 36.11 -1.96 -18.17
N PHE B 193 36.74 -0.79 -18.25
CA PHE B 193 36.05 0.42 -18.70
C PHE B 193 36.74 1.09 -19.90
N SER B 194 37.84 0.48 -20.36
CA SER B 194 38.71 1.06 -21.40
C SER B 194 39.04 2.52 -21.08
N ASN B 195 39.19 2.78 -19.78
CA ASN B 195 39.50 4.09 -19.24
C ASN B 195 40.34 3.85 -18.00
N ASP B 196 41.64 4.13 -18.10
CA ASP B 196 42.56 3.85 -17.01
C ASP B 196 42.67 4.98 -15.98
N MET B 197 41.83 6.00 -16.12
CA MET B 197 41.86 7.13 -15.19
C MET B 197 41.42 6.70 -13.79
N VAL B 198 42.26 7.04 -12.81
CA VAL B 198 41.97 6.77 -11.40
C VAL B 198 42.17 8.06 -10.59
N TYR B 199 41.51 8.12 -9.44
CA TYR B 199 41.72 9.22 -8.50
C TYR B 199 41.87 8.70 -7.07
N MET B 200 42.23 9.60 -6.17
CA MET B 200 42.44 9.26 -4.78
C MET B 200 41.52 10.09 -3.92
N GLU B 201 40.91 9.46 -2.91
CA GLU B 201 40.20 10.22 -1.88
C GLU B 201 40.36 9.60 -0.50
N LYS B 202 40.02 10.38 0.54
CA LYS B 202 40.07 9.91 1.91
C LYS B 202 39.20 8.67 2.07
N TYR B 203 39.73 7.68 2.76
CA TYR B 203 38.96 6.50 3.11
C TYR B 203 38.25 6.72 4.44
N LEU B 204 36.92 6.63 4.42
CA LEU B 204 36.12 6.84 5.64
C LEU B 204 35.84 5.50 6.30
N GLU B 205 36.15 5.41 7.59
CA GLU B 205 36.15 4.14 8.31
C GLU B 205 34.77 3.70 8.82
N ASN B 206 33.98 4.65 9.33
CA ASN B 206 32.71 4.35 10.02
C ASN B 206 31.46 5.05 9.42
N PRO B 207 31.35 5.15 8.07
CA PRO B 207 30.28 6.00 7.56
C PRO B 207 28.96 5.25 7.37
N ARG B 208 27.85 5.98 7.33
CA ARG B 208 26.60 5.43 6.83
C ARG B 208 26.39 5.86 5.39
N HIS B 209 25.58 5.10 4.65
CA HIS B 209 25.24 5.49 3.29
C HIS B 209 23.92 6.23 3.34
N VAL B 210 23.97 7.54 3.09
CA VAL B 210 22.77 8.38 3.09
C VAL B 210 22.70 9.10 1.75
N GLU B 211 21.56 9.01 1.07
CA GLU B 211 21.43 9.53 -0.26
C GLU B 211 20.20 10.43 -0.38
N ILE B 212 20.28 11.44 -1.25
CA ILE B 212 19.19 12.43 -1.37
C ILE B 212 18.48 12.25 -2.71
N GLN B 213 17.15 12.11 -2.66
CA GLN B 213 16.35 12.03 -3.88
C GLN B 213 16.08 13.43 -4.41
N VAL B 214 16.33 13.66 -5.69
CA VAL B 214 15.95 14.92 -6.33
C VAL B 214 15.02 14.72 -7.53
N LEU B 215 14.38 15.82 -7.94
CA LEU B 215 13.63 15.91 -9.18
C LEU B 215 13.88 17.28 -9.75
N ALA B 216 14.05 17.35 -11.07
CA ALA B 216 14.25 18.61 -11.75
C ALA B 216 13.51 18.59 -13.08
N ASP B 217 12.81 19.67 -13.38
CA ASP B 217 12.05 19.73 -14.61
C ASP B 217 12.77 20.57 -15.67
N GLY B 218 12.15 20.72 -16.85
CA GLY B 218 12.72 21.54 -17.90
C GLY B 218 12.38 23.02 -17.75
N GLN B 219 11.70 23.37 -16.67
CA GLN B 219 11.32 24.76 -16.36
C GLN B 219 12.22 25.41 -15.32
N GLY B 220 13.27 24.70 -14.89
CA GLY B 220 14.25 25.24 -13.97
C GLY B 220 13.95 24.92 -12.50
N ASN B 221 12.85 24.21 -12.25
CA ASN B 221 12.50 23.84 -10.89
C ASN B 221 13.31 22.61 -10.49
N ALA B 222 13.77 22.61 -9.24
CA ALA B 222 14.52 21.47 -8.70
C ALA B 222 14.21 21.33 -7.21
N ILE B 223 13.79 20.14 -6.83
CA ILE B 223 13.41 19.89 -5.44
C ILE B 223 14.13 18.66 -4.89
N TYR B 224 14.29 18.62 -3.57
CA TYR B 224 14.77 17.42 -2.92
C TYR B 224 13.63 16.76 -2.15
N LEU B 225 13.63 15.43 -2.12
CA LEU B 225 12.58 14.68 -1.48
C LEU B 225 13.17 13.84 -0.36
N ALA B 226 13.67 14.55 0.64
CA ALA B 226 14.28 13.95 1.82
C ALA B 226 15.42 13.02 1.44
N GLU B 227 15.70 12.04 2.30
CA GLU B 227 16.86 11.17 2.11
C GLU B 227 16.50 9.72 2.38
N ARG B 228 17.45 8.84 2.04
CA ARG B 228 17.33 7.41 2.33
C ARG B 228 18.61 6.94 2.98
N ASP B 229 18.50 5.97 3.88
CA ASP B 229 19.68 5.31 4.43
C ASP B 229 19.76 3.92 3.82
N CYS B 230 20.89 3.62 3.16
CA CYS B 230 21.09 2.33 2.50
C CYS B 230 22.38 1.65 2.94
N SER B 231 22.64 1.73 4.24
CA SER B 231 23.88 1.22 4.84
C SER B 231 24.01 -0.30 4.90
N MET B 232 22.88 -1.02 4.96
CA MET B 232 22.90 -2.49 4.95
C MET B 232 23.31 -2.97 3.57
N GLN B 233 24.57 -3.39 3.45
CA GLN B 233 25.15 -3.79 2.18
C GLN B 233 25.96 -5.06 2.31
N ARG B 234 26.05 -5.80 1.20
CA ARG B 234 26.93 -6.94 1.08
C ARG B 234 27.63 -6.78 -0.26
N ARG B 235 28.96 -6.72 -0.22
CA ARG B 235 29.80 -6.46 -1.40
C ARG B 235 29.35 -5.18 -2.11
N HIS B 236 29.08 -4.17 -1.30
CA HIS B 236 28.64 -2.85 -1.77
C HIS B 236 27.30 -2.88 -2.51
N GLN B 237 26.61 -4.00 -2.43
CA GLN B 237 25.25 -4.12 -2.97
C GLN B 237 24.24 -3.92 -1.83
N LYS B 238 23.33 -2.97 -2.04
CA LYS B 238 22.28 -2.66 -1.06
C LYS B 238 21.34 -3.83 -0.84
N VAL B 239 21.01 -4.07 0.42
CA VAL B 239 20.15 -5.18 0.84
C VAL B 239 18.86 -4.62 1.48
N VAL B 240 19.03 -3.62 2.34
CA VAL B 240 17.90 -2.95 3.00
C VAL B 240 18.07 -1.44 2.80
N GLU B 241 16.97 -0.76 2.52
CA GLU B 241 16.97 0.70 2.44
C GLU B 241 15.81 1.24 3.26
N GLU B 242 15.96 2.46 3.77
CA GLU B 242 14.87 3.06 4.53
C GLU B 242 14.81 4.56 4.36
N ALA B 243 13.63 5.12 4.58
CA ALA B 243 13.43 6.56 4.57
C ALA B 243 12.45 6.98 5.67
N PRO B 244 12.72 8.11 6.34
CA PRO B 244 13.93 8.93 6.21
C PRO B 244 15.09 8.21 6.90
N ALA B 245 16.29 8.76 6.86
CA ALA B 245 17.43 8.16 7.53
C ALA B 245 17.38 8.48 9.03
N PRO B 246 17.49 7.45 9.89
CA PRO B 246 17.50 7.65 11.34
C PRO B 246 18.59 8.63 11.80
N GLY B 247 18.20 9.51 12.73
CA GLY B 247 19.13 10.47 13.31
C GLY B 247 19.34 11.73 12.50
N ILE B 248 18.72 11.80 11.31
CA ILE B 248 18.82 13.01 10.50
C ILE B 248 17.71 13.97 10.92
N THR B 249 18.10 15.15 11.36
CA THR B 249 17.17 16.17 11.81
C THR B 249 16.62 16.93 10.60
N PRO B 250 15.44 17.58 10.75
CA PRO B 250 14.97 18.49 9.71
C PRO B 250 16.03 19.51 9.25
N GLU B 251 16.84 20.01 10.18
CA GLU B 251 17.89 20.98 9.85
C GLU B 251 19.04 20.41 9.00
N LEU B 252 19.46 19.18 9.32
CA LEU B 252 20.43 18.47 8.51
C LEU B 252 19.88 18.17 7.10
N ARG B 253 18.64 17.69 7.07
CA ARG B 253 17.93 17.38 5.82
C ARG B 253 17.84 18.59 4.91
N ARG B 254 17.52 19.74 5.51
CA ARG B 254 17.42 21.01 4.81
C ARG B 254 18.77 21.44 4.26
N TYR B 255 19.81 21.38 5.10
CA TYR B 255 21.17 21.73 4.73
C TYR B 255 21.63 20.96 3.47
N ILE B 256 21.53 19.63 3.53
CA ILE B 256 22.02 18.79 2.43
C ILE B 256 21.07 18.83 1.23
N GLY B 257 19.77 18.86 1.50
CA GLY B 257 18.77 18.90 0.43
C GLY B 257 18.93 20.14 -0.42
N GLU B 258 19.06 21.30 0.23
CA GLU B 258 19.23 22.57 -0.48
C GLU B 258 20.47 22.60 -1.36
N ARG B 259 21.56 22.00 -0.87
CA ARG B 259 22.80 21.93 -1.63
C ARG B 259 22.68 21.04 -2.88
N CYS B 260 21.93 19.96 -2.76
CA CYS B 260 21.66 19.06 -3.88
C CYS B 260 20.74 19.70 -4.93
N ALA B 261 19.68 20.37 -4.46
CA ALA B 261 18.80 21.12 -5.35
C ALA B 261 19.58 22.19 -6.13
N LYS B 262 20.45 22.92 -5.44
CA LYS B 262 21.28 23.93 -6.11
C LYS B 262 22.19 23.31 -7.18
N ALA B 263 22.80 22.17 -6.85
CA ALA B 263 23.67 21.47 -7.79
C ALA B 263 22.94 21.09 -9.08
N CYS B 264 21.71 20.57 -8.94
CA CYS B 264 20.84 20.27 -10.09
C CYS B 264 20.69 21.48 -11.00
N VAL B 265 20.38 22.64 -10.40
CA VAL B 265 20.26 23.90 -11.14
C VAL B 265 21.58 24.20 -11.83
N ASP B 266 22.68 24.09 -11.10
CA ASP B 266 24.01 24.44 -11.65
C ASP B 266 24.40 23.58 -12.84
N ILE B 267 24.06 22.30 -12.81
CA ILE B 267 24.48 21.39 -13.89
C ILE B 267 23.42 21.24 -14.98
N GLY B 268 22.28 21.91 -14.81
CA GLY B 268 21.15 21.79 -15.73
C GLY B 268 20.58 20.39 -15.72
N TYR B 269 20.39 19.83 -14.52
CA TYR B 269 19.88 18.47 -14.37
C TYR B 269 18.41 18.37 -14.77
N ARG B 270 18.02 17.23 -15.32
CA ARG B 270 16.63 16.99 -15.69
C ARG B 270 16.18 15.59 -15.31
N GLY B 271 15.03 15.49 -14.66
CA GLY B 271 14.44 14.20 -14.30
C GLY B 271 14.71 13.79 -12.87
N ALA B 272 14.53 12.52 -12.57
CA ALA B 272 14.87 11.96 -11.27
C ALA B 272 16.37 11.75 -11.20
N GLY B 273 16.92 11.89 -10.00
CA GLY B 273 18.31 11.57 -9.76
C GLY B 273 18.53 11.38 -8.29
N THR B 274 19.67 10.80 -7.93
CA THR B 274 20.00 10.59 -6.53
C THR B 274 21.45 11.00 -6.28
N PHE B 275 21.66 11.81 -5.26
CA PHE B 275 23.00 12.11 -4.80
C PHE B 275 23.34 11.20 -3.65
N GLU B 276 24.37 10.38 -3.82
CA GLU B 276 24.77 9.45 -2.77
C GLU B 276 25.91 10.02 -1.96
N PHE B 277 25.76 9.97 -0.64
CA PHE B 277 26.77 10.48 0.29
C PHE B 277 27.22 9.39 1.26
N LEU B 278 28.44 9.56 1.76
CA LEU B 278 28.86 8.92 2.98
C LEU B 278 28.64 9.91 4.12
N PHE B 279 27.99 9.45 5.18
CA PHE B 279 27.67 10.27 6.33
C PHE B 279 28.47 9.77 7.55
N GLU B 280 29.27 10.65 8.13
CA GLU B 280 30.12 10.27 9.25
C GLU B 280 30.42 11.48 10.12
N ASN B 281 30.32 11.28 11.44
CA ASN B 281 30.51 12.36 12.43
C ASN B 281 29.68 13.61 12.13
N GLY B 282 28.43 13.40 11.71
CA GLY B 282 27.52 14.50 11.39
C GLY B 282 27.80 15.25 10.10
N GLU B 283 28.68 14.69 9.26
CA GLU B 283 29.13 15.34 8.02
C GLU B 283 28.80 14.49 6.79
N PHE B 284 28.30 15.14 5.74
CA PHE B 284 28.02 14.49 4.47
C PHE B 284 29.21 14.60 3.51
N TYR B 285 29.46 13.53 2.77
CA TYR B 285 30.53 13.52 1.79
C TYR B 285 30.04 12.87 0.49
N PHE B 286 29.91 13.67 -0.56
CA PHE B 286 29.48 13.19 -1.87
C PHE B 286 30.41 12.12 -2.42
N ILE B 287 29.83 11.00 -2.87
CA ILE B 287 30.62 9.98 -3.56
C ILE B 287 30.22 9.83 -5.02
N GLU B 288 28.91 9.87 -5.28
CA GLU B 288 28.43 9.88 -6.66
C GLU B 288 26.97 10.26 -6.82
N MET B 289 26.58 10.49 -8.07
CA MET B 289 25.21 10.72 -8.42
C MET B 289 24.73 9.65 -9.37
N ASN B 290 23.60 9.02 -9.06
CA ASN B 290 22.89 8.16 -10.01
C ASN B 290 21.93 9.01 -10.84
N THR B 291 22.16 9.07 -12.15
CA THR B 291 21.40 9.94 -13.04
C THR B 291 20.28 9.16 -13.72
N ARG B 292 19.32 8.72 -12.90
CA ARG B 292 18.31 7.74 -13.29
C ARG B 292 17.43 7.53 -12.08
N ILE B 293 16.32 6.79 -12.25
CA ILE B 293 15.54 6.35 -11.10
C ILE B 293 16.36 5.41 -10.22
N GLN B 294 16.14 5.47 -8.91
CA GLN B 294 16.81 4.61 -7.94
C GLN B 294 16.01 3.31 -7.73
N VAL B 295 16.70 2.19 -7.51
CA VAL B 295 16.02 0.92 -7.21
C VAL B 295 15.05 1.13 -6.02
N GLU B 296 15.58 1.74 -4.97
CA GLU B 296 14.86 1.89 -3.71
C GLU B 296 13.96 3.11 -3.67
N HIS B 297 13.63 3.68 -4.82
CA HIS B 297 12.72 4.83 -4.89
C HIS B 297 11.39 4.68 -4.12
N PRO B 298 10.80 3.45 -4.06
CA PRO B 298 9.54 3.34 -3.30
C PRO B 298 9.53 3.82 -1.84
N VAL B 299 10.63 3.72 -1.10
CA VAL B 299 10.62 4.20 0.31
C VAL B 299 10.36 5.70 0.38
N THR B 300 10.94 6.44 -0.57
CA THR B 300 10.74 7.89 -0.67
C THR B 300 9.29 8.21 -1.05
N GLU B 301 8.75 7.44 -1.99
CA GLU B 301 7.34 7.57 -2.36
C GLU B 301 6.41 7.41 -1.16
N MET B 302 6.65 6.39 -0.35
CA MET B 302 5.80 6.13 0.82
C MET B 302 5.78 7.27 1.83
N ILE B 303 6.93 7.91 2.03
CA ILE B 303 7.03 8.95 3.07
C ILE B 303 6.72 10.37 2.57
N THR B 304 6.60 10.55 1.25
CA THR B 304 6.28 11.87 0.68
C THR B 304 4.96 11.89 -0.09
N GLY B 305 4.48 10.72 -0.49
CA GLY B 305 3.30 10.61 -1.35
C GLY B 305 3.57 10.92 -2.83
N VAL B 306 4.82 11.23 -3.17
CA VAL B 306 5.17 11.56 -4.55
C VAL B 306 5.50 10.32 -5.36
N ASP B 307 4.76 10.12 -6.45
CA ASP B 307 5.00 9.03 -7.38
C ASP B 307 6.12 9.49 -8.31
N LEU B 308 7.30 8.92 -8.11
CA LEU B 308 8.50 9.39 -8.79
C LEU B 308 8.55 9.05 -10.27
N ILE B 309 7.97 7.91 -10.63
CA ILE B 309 7.90 7.48 -12.03
C ILE B 309 6.95 8.37 -12.79
N LYS B 310 5.77 8.64 -12.23
CA LYS B 310 4.86 9.59 -12.89
C LYS B 310 5.53 10.94 -13.07
N GLU B 311 6.31 11.38 -12.07
CA GLU B 311 7.04 12.64 -12.20
C GLU B 311 8.02 12.58 -13.36
N GLN B 312 8.76 11.49 -13.49
CA GLN B 312 9.68 11.30 -14.63
C GLN B 312 8.97 11.49 -15.96
N LEU B 313 7.81 10.88 -16.09
CA LEU B 313 7.03 10.90 -17.33
C LEU B 313 6.48 12.30 -17.63
N ARG B 314 5.98 12.99 -16.60
CA ARG B 314 5.53 14.37 -16.72
C ARG B 314 6.65 15.31 -17.15
N ILE B 315 7.80 15.20 -16.48
CA ILE B 315 8.98 15.98 -16.83
C ILE B 315 9.37 15.79 -18.31
N ALA B 316 9.40 14.53 -18.75
CA ALA B 316 9.80 14.20 -20.11
C ALA B 316 8.81 14.75 -21.15
N ALA B 317 7.54 14.84 -20.77
CA ALA B 317 6.52 15.46 -21.63
C ALA B 317 6.59 17.00 -21.67
N GLY B 318 7.42 17.58 -20.81
CA GLY B 318 7.53 19.04 -20.74
C GLY B 318 6.64 19.69 -19.69
N GLN B 319 6.08 18.88 -18.80
CA GLN B 319 5.29 19.42 -17.69
C GLN B 319 6.20 19.82 -16.54
N PRO B 320 5.83 20.90 -15.81
CA PRO B 320 6.62 21.23 -14.64
C PRO B 320 6.43 20.22 -13.51
N LEU B 321 7.28 20.29 -12.49
CA LEU B 321 7.12 19.43 -11.32
C LEU B 321 5.74 19.69 -10.71
N SER B 322 5.05 18.61 -10.29
CA SER B 322 3.69 18.74 -9.78
C SER B 322 3.63 19.33 -8.36
N ILE B 323 4.79 19.41 -7.72
CA ILE B 323 4.89 19.80 -6.32
C ILE B 323 6.08 20.78 -6.13
N LYS B 324 5.88 21.79 -5.29
CA LYS B 324 6.96 22.71 -4.90
C LYS B 324 7.66 22.19 -3.65
N GLN B 325 8.84 22.74 -3.34
CA GLN B 325 9.60 22.31 -2.16
C GLN B 325 8.81 22.38 -0.86
N GLU B 326 8.06 23.49 -0.71
CA GLU B 326 7.26 23.75 0.47
C GLU B 326 6.15 22.68 0.66
N GLU B 327 5.78 22.02 -0.44
CA GLU B 327 4.76 20.97 -0.42
C GLU B 327 5.32 19.56 -0.19
N VAL B 328 6.65 19.43 -0.11
CA VAL B 328 7.26 18.16 0.20
C VAL B 328 7.31 18.01 1.70
N HIS B 329 6.60 17.00 2.22
CA HIS B 329 6.56 16.74 3.65
C HIS B 329 6.92 15.29 3.93
N VAL B 330 7.81 15.08 4.90
CA VAL B 330 8.17 13.74 5.37
C VAL B 330 7.13 13.29 6.40
N ARG B 331 6.44 12.21 6.11
CA ARG B 331 5.48 11.63 7.05
C ARG B 331 5.75 10.16 7.18
N GLY B 332 5.91 9.69 8.41
CA GLY B 332 6.08 8.27 8.67
C GLY B 332 7.48 7.77 8.32
N HIS B 333 7.56 6.48 8.09
CA HIS B 333 8.82 5.79 7.86
C HIS B 333 8.54 4.61 6.97
N ALA B 334 9.46 4.31 6.05
CA ALA B 334 9.32 3.12 5.22
C ALA B 334 10.63 2.36 5.13
N VAL B 335 10.55 1.04 5.06
CA VAL B 335 11.71 0.16 4.93
C VAL B 335 11.50 -0.73 3.71
N GLU B 336 12.55 -0.94 2.93
CA GLU B 336 12.50 -1.84 1.77
C GLU B 336 13.49 -2.97 1.96
N CYS B 337 13.02 -4.19 1.73
CA CYS B 337 13.87 -5.37 1.68
C CYS B 337 13.93 -5.83 0.24
N ARG B 338 15.13 -5.89 -0.33
CA ARG B 338 15.31 -6.47 -1.66
C ARG B 338 15.16 -7.98 -1.57
N ILE B 339 14.36 -8.56 -2.46
CA ILE B 339 14.21 -10.01 -2.50
C ILE B 339 15.01 -10.55 -3.67
N ASN B 340 15.94 -11.44 -3.38
CA ASN B 340 16.86 -11.96 -4.38
C ASN B 340 16.78 -13.45 -4.49
N ALA B 341 16.81 -13.96 -5.72
CA ALA B 341 16.92 -15.37 -6.00
C ALA B 341 18.42 -15.70 -5.91
N GLU B 342 18.85 -16.05 -4.71
CA GLU B 342 20.26 -16.31 -4.45
C GLU B 342 20.42 -17.42 -3.42
N ASP B 343 21.53 -18.15 -3.52
CA ASP B 343 21.84 -19.22 -2.58
C ASP B 343 22.32 -18.65 -1.26
N PRO B 344 21.75 -19.15 -0.13
CA PRO B 344 22.06 -18.65 1.22
C PRO B 344 23.54 -18.79 1.61
N ASN B 345 24.22 -19.78 1.03
CA ASN B 345 25.59 -20.09 1.38
C ASN B 345 26.61 -19.49 0.42
N THR B 346 26.36 -19.64 -0.88
CA THR B 346 27.29 -19.14 -1.89
C THR B 346 27.08 -17.67 -2.23
N PHE B 347 25.85 -17.21 -2.00
CA PHE B 347 25.35 -15.91 -2.47
C PHE B 347 25.39 -15.75 -4.00
N LEU B 348 25.48 -16.88 -4.70
CA LEU B 348 25.37 -16.89 -6.15
C LEU B 348 23.90 -16.85 -6.55
N PRO B 349 23.58 -16.28 -7.74
CA PRO B 349 22.21 -16.29 -8.22
C PRO B 349 21.66 -17.70 -8.18
N SER B 350 20.36 -17.82 -7.88
CA SER B 350 19.69 -19.11 -7.82
C SER B 350 18.45 -19.11 -8.71
N PRO B 351 18.66 -19.09 -10.04
CA PRO B 351 17.54 -19.10 -10.99
C PRO B 351 16.78 -20.43 -10.97
N GLY B 352 15.59 -20.44 -11.57
CA GLY B 352 14.78 -21.64 -11.66
C GLY B 352 13.31 -21.30 -11.63
N LYS B 353 12.49 -22.34 -11.56
CA LYS B 353 11.05 -22.18 -11.64
C LYS B 353 10.42 -22.01 -10.27
N ILE B 354 9.63 -20.95 -10.12
CA ILE B 354 8.86 -20.75 -8.89
C ILE B 354 7.62 -21.65 -8.94
N THR B 355 7.48 -22.51 -7.93
CA THR B 355 6.43 -23.54 -7.93
C THR B 355 5.22 -23.14 -7.11
N ARG B 356 5.43 -22.28 -6.11
CA ARG B 356 4.34 -21.71 -5.34
C ARG B 356 4.71 -20.28 -4.97
N PHE B 357 3.75 -19.37 -5.09
CA PHE B 357 3.98 -17.97 -4.77
C PHE B 357 2.79 -17.36 -4.04
N HIS B 358 3.10 -16.61 -2.98
CA HIS B 358 2.10 -15.78 -2.34
C HIS B 358 2.72 -14.48 -1.84
N ALA B 359 2.09 -13.38 -2.23
CA ALA B 359 2.50 -12.04 -1.85
C ALA B 359 1.86 -11.65 -0.53
N PRO B 360 2.60 -10.93 0.33
CA PRO B 360 1.97 -10.43 1.55
C PRO B 360 1.04 -9.25 1.23
N GLY B 361 0.25 -8.84 2.21
CA GLY B 361 -0.67 -7.74 2.00
C GLY B 361 -0.90 -7.05 3.31
N GLY B 362 -1.84 -6.10 3.30
CA GLY B 362 -2.21 -5.41 4.52
C GLY B 362 -1.90 -3.92 4.47
N PHE B 363 -2.28 -3.24 5.54
CA PHE B 363 -2.06 -1.80 5.72
C PHE B 363 -0.56 -1.50 5.75
N GLY B 364 -0.13 -0.65 4.84
CA GLY B 364 1.27 -0.21 4.80
C GLY B 364 2.21 -1.14 4.06
N VAL B 365 1.67 -2.21 3.48
CA VAL B 365 2.50 -3.19 2.77
C VAL B 365 2.44 -2.95 1.25
N ARG B 366 3.62 -2.87 0.63
CA ARG B 366 3.75 -2.66 -0.80
C ARG B 366 4.71 -3.70 -1.36
N TRP B 367 4.25 -4.43 -2.35
CA TRP B 367 5.01 -5.51 -2.96
C TRP B 367 5.28 -5.14 -4.42
N GLU B 368 6.55 -5.04 -4.77
CA GLU B 368 6.96 -4.63 -6.11
C GLU B 368 7.68 -5.81 -6.77
N SER B 369 6.96 -6.58 -7.57
CA SER B 369 7.56 -7.75 -8.23
C SER B 369 6.76 -8.27 -9.40
N HIS B 370 7.48 -8.71 -10.42
CA HIS B 370 6.91 -9.35 -11.61
C HIS B 370 6.66 -10.85 -11.42
N ILE B 371 7.09 -11.42 -10.30
CA ILE B 371 7.06 -12.88 -10.16
C ILE B 371 5.66 -13.44 -9.89
N TYR B 372 5.43 -14.66 -10.34
CA TYR B 372 4.16 -15.33 -10.14
C TYR B 372 4.41 -16.83 -10.08
N ALA B 373 3.43 -17.60 -9.60
CA ALA B 373 3.56 -19.06 -9.54
C ALA B 373 3.67 -19.63 -10.94
N GLY B 374 4.71 -20.45 -11.15
CA GLY B 374 4.95 -21.02 -12.48
C GLY B 374 5.99 -20.23 -13.28
N TYR B 375 6.38 -19.07 -12.76
CA TYR B 375 7.36 -18.21 -13.45
C TYR B 375 8.77 -18.73 -13.26
N THR B 376 9.53 -18.77 -14.35
CA THR B 376 10.95 -19.14 -14.30
C THR B 376 11.83 -17.90 -14.27
N VAL B 377 12.62 -17.80 -13.21
CA VAL B 377 13.64 -16.76 -13.09
C VAL B 377 14.80 -17.18 -13.99
N PRO B 378 15.03 -16.44 -15.11
CA PRO B 378 16.11 -16.78 -16.05
C PRO B 378 17.49 -16.59 -15.42
N PRO B 379 18.50 -17.36 -15.88
CA PRO B 379 19.86 -17.19 -15.36
C PRO B 379 20.62 -15.97 -15.90
N TYR B 380 20.05 -15.28 -16.88
CA TYR B 380 20.81 -14.30 -17.67
C TYR B 380 20.87 -12.90 -17.08
N TYR B 381 20.08 -12.66 -16.04
CA TYR B 381 19.87 -11.30 -15.55
C TYR B 381 20.13 -11.21 -14.05
N ASP B 382 20.04 -10.00 -13.51
CA ASP B 382 20.25 -9.75 -12.09
C ASP B 382 19.33 -10.64 -11.22
N SER B 383 19.82 -11.00 -10.03
CA SER B 383 19.11 -11.93 -9.15
C SER B 383 17.96 -11.30 -8.36
N MET B 384 17.80 -9.98 -8.42
CA MET B 384 16.75 -9.31 -7.63
C MET B 384 15.40 -9.49 -8.31
N ILE B 385 14.53 -10.25 -7.64
CA ILE B 385 13.24 -10.62 -8.23
C ILE B 385 12.08 -9.80 -7.68
N GLY B 386 12.29 -9.09 -6.58
CA GLY B 386 11.25 -8.25 -5.99
C GLY B 386 11.75 -7.33 -4.91
N LYS B 387 10.88 -6.42 -4.50
CA LYS B 387 11.16 -5.53 -3.40
C LYS B 387 9.91 -5.47 -2.53
N LEU B 388 10.12 -5.63 -1.23
CA LEU B 388 9.03 -5.58 -0.29
C LEU B 388 9.20 -4.30 0.49
N ILE B 389 8.18 -3.46 0.47
CA ILE B 389 8.27 -2.16 1.13
C ILE B 389 7.15 -2.05 2.15
N CYS B 390 7.51 -1.70 3.39
CA CYS B 390 6.53 -1.52 4.45
C CYS B 390 6.63 -0.13 5.05
N TYR B 391 5.47 0.50 5.22
CA TYR B 391 5.38 1.85 5.74
C TYR B 391 4.65 1.80 7.08
N GLY B 392 5.02 2.71 7.98
CA GLY B 392 4.25 2.97 9.21
C GLY B 392 4.42 4.40 9.66
N GLU B 393 3.61 4.80 10.64
CA GLU B 393 3.67 6.17 11.17
C GLU B 393 5.00 6.48 11.87
N ASN B 394 5.73 5.43 12.21
CA ASN B 394 7.09 5.55 12.73
C ASN B 394 7.94 4.33 12.34
N ARG B 395 9.24 4.41 12.60
CA ARG B 395 10.19 3.35 12.20
C ARG B 395 9.86 1.99 12.82
N ASP B 396 9.50 1.99 14.10
CA ASP B 396 9.18 0.74 14.80
C ASP B 396 8.00 0.00 14.17
N VAL B 397 6.99 0.76 13.75
CA VAL B 397 5.83 0.20 13.06
C VAL B 397 6.20 -0.34 11.67
N ALA B 398 7.00 0.42 10.91
CA ALA B 398 7.46 -0.04 9.59
C ALA B 398 8.19 -1.39 9.71
N ILE B 399 9.09 -1.50 10.68
CA ILE B 399 9.86 -2.72 10.94
C ILE B 399 8.97 -3.88 11.40
N ALA B 400 8.02 -3.61 12.29
CA ALA B 400 7.08 -4.64 12.73
C ALA B 400 6.27 -5.19 11.56
N ARG B 401 5.77 -4.29 10.72
CA ARG B 401 5.03 -4.69 9.53
C ARG B 401 5.88 -5.49 8.56
N MET B 402 7.16 -5.13 8.43
CA MET B 402 8.09 -5.86 7.55
C MET B 402 8.31 -7.31 8.01
N LYS B 403 8.53 -7.47 9.31
CA LYS B 403 8.66 -8.79 9.91
C LYS B 403 7.49 -9.69 9.52
N ASN B 404 6.27 -9.21 9.72
CA ASN B 404 5.08 -10.00 9.40
C ASN B 404 4.95 -10.26 7.91
N ALA B 405 5.25 -9.24 7.09
CA ALA B 405 5.15 -9.37 5.62
C ALA B 405 6.12 -10.42 5.07
N LEU B 406 7.33 -10.43 5.61
CA LEU B 406 8.35 -11.42 5.24
C LEU B 406 7.89 -12.83 5.59
N GLN B 407 7.19 -12.98 6.72
CA GLN B 407 6.63 -14.29 7.15
C GLN B 407 5.51 -14.78 6.24
N GLU B 408 4.81 -13.84 5.61
CA GLU B 408 3.69 -14.18 4.74
C GLU B 408 4.15 -14.50 3.32
N LEU B 409 5.29 -13.94 2.95
CA LEU B 409 5.82 -14.09 1.61
C LEU B 409 6.19 -15.55 1.36
N ILE B 410 5.64 -16.13 0.30
CA ILE B 410 5.98 -17.50 -0.09
C ILE B 410 6.57 -17.51 -1.49
N ILE B 411 7.80 -17.98 -1.61
CA ILE B 411 8.42 -18.19 -2.90
C ILE B 411 9.11 -19.55 -2.83
N ASP B 412 8.43 -20.58 -3.35
CA ASP B 412 8.96 -21.95 -3.33
C ASP B 412 9.53 -22.33 -4.70
N GLY B 413 10.49 -23.25 -4.71
CA GLY B 413 11.04 -23.75 -5.96
C GLY B 413 12.42 -23.22 -6.29
N ILE B 414 12.75 -22.08 -5.70
CA ILE B 414 14.07 -21.46 -5.82
C ILE B 414 14.50 -21.03 -4.42
N LYS B 415 15.78 -20.73 -4.27
CA LYS B 415 16.32 -20.25 -3.02
C LYS B 415 16.29 -18.72 -3.03
N THR B 416 15.94 -18.13 -1.89
CA THR B 416 15.85 -16.67 -1.78
C THR B 416 16.52 -16.19 -0.51
N ASN B 417 16.71 -14.87 -0.39
CA ASN B 417 17.28 -14.25 0.80
C ASN B 417 16.22 -13.83 1.82
N VAL B 418 15.01 -14.39 1.71
CA VAL B 418 13.93 -14.00 2.63
C VAL B 418 14.32 -14.23 4.10
N ASP B 419 14.92 -15.39 4.39
CA ASP B 419 15.36 -15.72 5.76
C ASP B 419 16.42 -14.76 6.27
N LEU B 420 17.30 -14.29 5.38
CA LEU B 420 18.30 -13.30 5.73
C LEU B 420 17.68 -11.95 6.07
N GLN B 421 16.68 -11.54 5.29
CA GLN B 421 15.97 -10.29 5.56
C GLN B 421 15.27 -10.34 6.93
N ILE B 422 14.70 -11.50 7.25
CA ILE B 422 14.01 -11.72 8.53
C ILE B 422 15.01 -11.54 9.67
N ARG B 423 16.23 -12.06 9.47
CA ARG B 423 17.31 -11.92 10.44
C ARG B 423 17.73 -10.47 10.63
N ILE B 424 17.81 -9.71 9.53
CA ILE B 424 18.16 -8.29 9.63
C ILE B 424 17.08 -7.50 10.41
N MET B 425 15.80 -7.79 10.14
CA MET B 425 14.70 -7.09 10.81
C MET B 425 14.72 -7.39 12.30
N ASN B 426 15.09 -8.62 12.66
CA ASN B 426 15.22 -9.06 14.05
C ASN B 426 16.51 -8.61 14.74
N ASP B 427 17.39 -7.95 13.99
CA ASP B 427 18.68 -7.54 14.52
C ASP B 427 18.54 -6.34 15.46
N GLU B 428 19.08 -6.52 16.68
CA GLU B 428 19.00 -5.57 17.78
C GLU B 428 19.57 -4.21 17.39
N ASN B 429 20.66 -4.25 16.64
CA ASN B 429 21.36 -3.04 16.25
C ASN B 429 20.63 -2.30 15.13
N PHE B 430 20.08 -3.05 14.18
CA PHE B 430 19.23 -2.47 13.13
C PHE B 430 18.00 -1.83 13.76
N GLN B 431 17.38 -2.53 14.71
CA GLN B 431 16.23 -1.99 15.43
C GLN B 431 16.52 -0.66 16.13
N HIS B 432 17.71 -0.53 16.69
CA HIS B 432 18.16 0.76 17.25
C HIS B 432 18.34 1.79 16.14
N GLY B 433 19.00 1.37 15.05
CA GLY B 433 19.22 2.22 13.89
C GLY B 433 20.59 2.85 13.86
N GLY B 434 20.98 3.32 12.67
CA GLY B 434 22.24 4.04 12.51
C GLY B 434 23.48 3.16 12.34
N THR B 435 23.30 1.88 12.03
CA THR B 435 24.44 0.99 11.75
C THR B 435 25.15 1.41 10.47
N ASN B 436 26.47 1.22 10.44
CA ASN B 436 27.29 1.71 9.33
C ASN B 436 27.33 0.75 8.14
N ILE B 437 28.06 1.15 7.09
CA ILE B 437 28.12 0.38 5.84
C ILE B 437 28.82 -0.99 5.96
N HIS B 438 29.44 -1.27 7.11
CA HIS B 438 30.18 -2.51 7.31
C HIS B 438 29.41 -3.51 8.15
N TYR B 439 28.26 -3.09 8.69
CA TYR B 439 27.58 -3.88 9.70
C TYR B 439 27.11 -5.25 9.23
N LEU B 440 26.48 -5.32 8.06
CA LEU B 440 25.92 -6.58 7.59
C LEU B 440 26.99 -7.66 7.33
N GLU B 441 28.10 -7.28 6.71
CA GLU B 441 29.21 -8.21 6.46
C GLU B 441 29.84 -8.71 7.76
N LYS B 442 29.94 -7.81 8.73
CA LYS B 442 30.38 -8.13 10.10
C LYS B 442 29.39 -9.07 10.80
N LYS B 443 28.08 -8.81 10.64
CA LYS B 443 27.04 -9.69 11.18
C LYS B 443 27.15 -11.08 10.55
N LEU B 444 27.35 -11.10 9.23
CA LEU B 444 27.42 -12.34 8.48
C LEU B 444 28.76 -13.04 8.67
PB ADP C . -29.32 -2.80 7.13
O1B ADP C . -27.93 -2.38 6.68
O2B ADP C . -29.94 -3.88 6.26
O3B ADP C . -29.44 -3.07 8.61
PA ADP C . -29.93 0.01 6.82
O1A ADP C . -30.98 0.75 7.63
O2A ADP C . -28.47 0.27 7.11
O3A ADP C . -30.31 -1.55 6.88
O5' ADP C . -30.21 0.33 5.27
C5' ADP C . -29.34 -0.23 4.28
C4' ADP C . -29.65 0.38 2.92
O4' ADP C . -31.07 0.37 2.66
C3' ADP C . -29.22 1.84 2.82
O3' ADP C . -27.85 2.01 2.46
C2' ADP C . -30.17 2.35 1.75
O2' ADP C . -29.66 2.00 0.46
C1' ADP C . -31.45 1.59 2.01
N9 ADP C . -32.34 2.42 2.87
C8 ADP C . -32.45 2.33 4.22
N7 ADP C . -33.34 3.23 4.71
C5 ADP C . -33.83 3.92 3.66
C6 ADP C . -34.80 5.02 3.46
N6 ADP C . -35.45 5.58 4.53
N1 ADP C . -35.03 5.46 2.21
C2 ADP C . -34.39 4.93 1.14
N3 ADP C . -33.49 3.92 1.24
C4 ADP C . -33.17 3.38 2.45
MG MG D . -26.64 -0.75 7.40
C11 BTN E . -20.23 -14.73 6.90
O11 BTN E . -21.47 -14.92 7.02
O12 BTN E . -19.58 -15.47 6.12
C10 BTN E . -19.56 -13.62 7.69
C9 BTN E . -19.53 -12.32 6.91
C8 BTN E . -20.95 -11.83 6.60
C7 BTN E . -20.95 -10.44 5.96
C2 BTN E . -21.00 -9.34 7.02
S1 BTN E . -22.56 -9.07 7.55
C6 BTN E . -22.03 -7.48 8.23
C5 BTN E . -21.05 -6.89 7.24
N1 BTN E . -21.75 -6.13 6.22
C3 BTN E . -21.51 -6.64 5.01
O3 BTN E . -21.92 -6.04 3.81
N2 BTN E . -20.80 -7.76 5.10
C4 BTN E . -20.43 -8.04 6.48
C BCT F . -20.56 -2.84 6.51
O1 BCT F . -19.60 -2.96 7.30
O2 BCT F . -20.40 -2.36 5.36
O3 BCT F . -21.75 -3.23 6.91
PB ADP G . 29.73 2.68 -7.22
O1B ADP G . 28.42 2.59 -6.45
O2B ADP G . 30.45 1.35 -7.30
O3B ADP G . 29.62 3.44 -8.51
PA ADP G . 30.41 4.57 -5.13
O1A ADP G . 31.45 5.68 -5.22
O2A ADP G . 28.94 4.91 -5.14
O3A ADP G . 30.77 3.53 -6.32
O5' ADP G . 30.74 3.74 -3.79
C5' ADP G . 30.31 2.39 -3.60
C4' ADP G . 30.60 1.97 -2.17
O4' ADP G . 32.00 1.86 -1.91
C3' ADP G . 30.06 2.95 -1.15
O3' ADP G . 28.68 2.73 -0.80
C2' ADP G . 30.98 2.72 0.02
O2' ADP G . 30.47 1.60 0.73
C1' ADP G . 32.33 2.39 -0.61
N9 ADP G . 33.16 3.63 -0.72
C8 ADP G . 33.33 4.39 -1.82
N7 ADP G . 34.14 5.46 -1.58
C5 ADP G . 34.51 5.40 -0.29
C6 ADP G . 35.34 6.22 0.62
N6 ADP G . 35.99 7.34 0.20
N1 ADP G . 35.46 5.80 1.91
C2 ADP G . 34.85 4.69 2.36
N3 ADP G . 34.07 3.91 1.58
C4 ADP G . 33.86 4.19 0.27
MG MG H . 26.69 4.01 -6.10
C11 BTN I . 20.01 -6.33 -14.98
O11 BTN I . 21.23 -6.27 -15.23
O12 BTN I . 19.43 -7.46 -14.99
C10 BTN I . 19.25 -5.05 -14.68
C9 BTN I . 19.22 -4.76 -13.18
C8 BTN I . 20.64 -4.55 -12.68
C7 BTN I . 20.67 -3.94 -11.29
C2 BTN I . 20.82 -2.43 -11.35
S1 BTN I . 22.40 -1.95 -11.67
C6 BTN I . 22.04 -0.30 -11.02
C5 BTN I . 21.02 -0.43 -9.91
N1 BTN I . 21.66 -0.50 -8.61
C3 BTN I . 21.45 -1.67 -8.01
O3 BTN I . 21.84 -1.97 -6.70
N2 BTN I . 20.81 -2.50 -8.84
C4 BTN I . 20.37 -1.80 -10.04
C BCT J . 20.45 1.93 -6.82
O1 BCT J . 19.45 2.40 -7.40
O2 BCT J . 21.56 1.92 -7.38
O3 BCT J . 20.32 1.43 -5.60
#